data_4UXD
#
_entry.id   4UXD
#
_cell.length_a   77.954
_cell.length_b   100.159
_cell.length_c   154.609
_cell.angle_alpha   90.00
_cell.angle_beta   90.00
_cell.angle_gamma   90.00
#
_symmetry.space_group_name_H-M   'P 2 21 21'
#
loop_
_entity.id
_entity.type
_entity.pdbx_description
1 polymer '2-DEHYDRO-3-DEOXY-D-GLUCONATE/2-DEHYDRO-3-DEOXY-PHOSPHOGLUCONATE ALDOLASE'
2 non-polymer GLYCEROL
3 non-polymer 'ISOPROPYL ALCOHOL'
4 non-polymer 1,2-ETHANEDIOL
5 non-polymer DI(HYDROXYETHYL)ETHER
6 non-polymer 'TRIETHYLENE GLYCOL'
7 water water
#
_entity_poly.entity_id   1
_entity_poly.type   'polypeptide(L)'
_entity_poly.pdbx_seq_one_letter_code
;MGHHHHHHHHHHSSGHIDDDDKHMYKGIVCPMITPLDAHGNIDYNATNILIKYLEGINVDYLFPMGSTGVFPYFTLKERK
DFLKFVRENSKKPIMAGVGSSSINEVNELMKFSMDIGIEAAVLMPPYYIKLNQEAIYHYYKEILSSNDMDLLIYNIPQFT
NKIDPETVKNLKSEFSSVKGVKDSSADIRGFMEMLSLSDDDFAVFQGQDDLLFTSLELGASGGVCGTTNFSDGIVRLYHE
YKNNREMALKIEKNDVIPLMKKLGKYQFPNAYYEYFYKKNNINGGYRPPMYRVGIEI
;
_entity_poly.pdbx_strand_id   A,B,C,D
#
# COMPACT_ATOMS: atom_id res chain seq x y z
N MET A 24 -32.40 5.91 20.29
CA MET A 24 -31.53 6.70 19.37
C MET A 24 -30.12 6.84 19.96
N TYR A 25 -29.12 6.39 19.22
CA TYR A 25 -27.74 6.44 19.68
C TYR A 25 -27.08 7.71 19.21
N LYS A 26 -26.43 8.40 20.13
CA LYS A 26 -25.72 9.64 19.82
C LYS A 26 -24.95 10.02 21.08
N GLY A 27 -23.97 10.91 20.95
CA GLY A 27 -23.15 11.29 22.09
C GLY A 27 -21.78 10.63 22.11
N ILE A 28 -21.21 10.52 23.30
CA ILE A 28 -19.84 10.09 23.48
C ILE A 28 -19.73 8.67 24.01
N VAL A 29 -19.01 7.86 23.25
CA VAL A 29 -18.82 6.45 23.52
C VAL A 29 -17.38 6.23 23.94
N CYS A 30 -17.14 5.64 25.12
CA CYS A 30 -15.77 5.26 25.48
C CYS A 30 -15.40 3.85 25.02
N PRO A 31 -14.46 3.75 24.07
CA PRO A 31 -13.97 2.40 23.78
C PRO A 31 -12.99 2.01 24.90
N MET A 32 -13.51 1.26 25.86
CA MET A 32 -12.80 0.98 27.11
C MET A 32 -11.51 0.20 26.89
N ILE A 33 -10.45 0.62 27.58
CA ILE A 33 -9.32 -0.28 27.74
C ILE A 33 -9.75 -1.41 28.66
N THR A 34 -9.06 -2.53 28.57
CA THR A 34 -9.22 -3.61 29.53
C THR A 34 -8.06 -3.60 30.53
N PRO A 35 -8.25 -2.95 31.71
CA PRO A 35 -7.12 -2.82 32.65
C PRO A 35 -6.50 -4.16 33.03
N LEU A 36 -5.17 -4.20 33.12
CA LEU A 36 -4.43 -5.43 33.43
C LEU A 36 -3.50 -5.29 34.64
N ASP A 37 -3.38 -6.38 35.38
CA ASP A 37 -2.46 -6.44 36.51
C ASP A 37 -1.03 -6.62 36.01
N ALA A 38 -0.08 -6.71 36.93
CA ALA A 38 1.30 -6.97 36.58
C ALA A 38 1.53 -8.31 35.84
N HIS A 39 0.51 -9.16 35.79
CA HIS A 39 0.62 -10.44 35.07
C HIS A 39 -0.21 -10.49 33.76
N GLY A 40 -0.65 -9.34 33.29
CA GLY A 40 -1.39 -9.26 32.03
C GLY A 40 -2.74 -9.99 32.01
N ASN A 41 -3.35 -10.15 33.17
CA ASN A 41 -4.72 -10.65 33.27
C ASN A 41 -5.64 -9.54 33.72
N ILE A 42 -6.93 -9.68 33.49
CA ILE A 42 -7.85 -8.57 33.73
C ILE A 42 -7.93 -8.21 35.22
N ASP A 43 -7.64 -6.95 35.49
CA ASP A 43 -7.70 -6.37 36.83
C ASP A 43 -9.06 -5.75 37.05
N TYR A 44 -9.96 -6.50 37.69
CA TYR A 44 -11.36 -6.10 37.81
C TYR A 44 -11.56 -4.96 38.80
N ASN A 45 -10.62 -4.79 39.71
CA ASN A 45 -10.65 -3.63 40.58
C ASN A 45 -10.35 -2.35 39.79
N ALA A 46 -9.33 -2.36 38.95
CA ALA A 46 -9.03 -1.21 38.09
C ALA A 46 -10.15 -0.93 37.09
N THR A 47 -10.75 -2.00 36.56
CA THR A 47 -11.90 -1.86 35.67
C THR A 47 -13.01 -1.05 36.35
N ASN A 48 -13.11 -1.20 37.66
CA ASN A 48 -14.10 -0.44 38.44
C ASN A 48 -13.66 1.02 38.57
N ILE A 49 -12.38 1.22 38.84
CA ILE A 49 -11.82 2.55 38.93
C ILE A 49 -12.13 3.30 37.66
N LEU A 50 -12.05 2.59 36.54
CA LEU A 50 -12.27 3.15 35.22
C LEU A 50 -13.74 3.47 34.95
N ILE A 51 -14.60 2.51 35.27
CA ILE A 51 -16.04 2.70 35.15
C ILE A 51 -16.50 3.91 35.95
N LYS A 52 -15.89 4.14 37.12
CA LYS A 52 -16.31 5.24 37.98
C LYS A 52 -15.76 6.57 37.46
N TYR A 53 -14.61 6.52 36.79
CA TYR A 53 -14.11 7.69 36.07
C TYR A 53 -14.97 8.05 34.87
N LEU A 54 -15.45 7.04 34.16
CA LEU A 54 -16.25 7.28 32.96
C LEU A 54 -17.58 7.90 33.34
N GLU A 55 -18.16 7.39 34.42
CA GLU A 55 -19.43 7.91 34.91
C GLU A 55 -19.26 9.37 35.33
N GLY A 56 -18.14 9.66 35.98
CA GLY A 56 -17.82 11.01 36.46
C GLY A 56 -17.79 12.09 35.38
N ILE A 57 -17.13 11.81 34.26
CA ILE A 57 -17.08 12.75 33.13
C ILE A 57 -18.27 12.60 32.19
N ASN A 58 -19.25 11.80 32.57
CA ASN A 58 -20.52 11.67 31.84
C ASN A 58 -20.41 11.27 30.34
N VAL A 59 -19.62 10.25 30.05
CA VAL A 59 -19.71 9.62 28.74
C VAL A 59 -21.10 9.00 28.71
N ASP A 60 -21.64 8.75 27.52
CA ASP A 60 -22.99 8.22 27.37
C ASP A 60 -23.02 6.70 27.21
N TYR A 61 -22.00 6.13 26.60
CA TYR A 61 -21.94 4.70 26.38
C TYR A 61 -20.59 4.12 26.79
N LEU A 62 -20.65 2.92 27.36
CA LEU A 62 -19.48 2.11 27.59
C LEU A 62 -19.42 1.09 26.48
N PHE A 63 -18.23 1.00 25.90
CA PHE A 63 -17.93 0.08 24.81
C PHE A 63 -16.77 -0.82 25.24
N PRO A 64 -17.08 -1.86 25.99
CA PRO A 64 -16.02 -2.82 26.36
C PRO A 64 -15.63 -3.73 25.20
N MET A 65 -14.35 -4.08 25.14
CA MET A 65 -13.80 -5.03 24.18
C MET A 65 -13.91 -4.54 22.73
N GLY A 66 -13.62 -3.26 22.54
CA GLY A 66 -13.34 -2.73 21.23
C GLY A 66 -11.87 -2.94 20.92
N SER A 67 -11.38 -2.27 19.88
CA SER A 67 -9.98 -2.32 19.50
C SER A 67 -9.09 -1.78 20.60
N THR A 68 -9.52 -0.68 21.20
CA THR A 68 -8.80 -0.07 22.31
C THR A 68 -8.68 -1.06 23.44
N GLY A 69 -9.70 -1.91 23.60
CA GLY A 69 -9.71 -2.93 24.65
C GLY A 69 -8.96 -4.20 24.29
N VAL A 70 -8.23 -4.14 23.18
CA VAL A 70 -7.49 -5.25 22.59
C VAL A 70 -8.17 -6.61 22.77
N PHE A 71 -9.46 -6.64 22.40
CA PHE A 71 -10.29 -7.84 22.58
C PHE A 71 -9.72 -9.14 22.00
N PRO A 72 -9.00 -9.09 20.86
CA PRO A 72 -8.57 -10.41 20.36
C PRO A 72 -7.41 -11.03 21.15
N TYR A 73 -6.84 -10.30 22.09
CA TYR A 73 -5.77 -10.87 22.90
C TYR A 73 -6.37 -11.76 24.00
N PHE A 74 -7.69 -11.68 24.19
CA PHE A 74 -8.36 -12.39 25.27
C PHE A 74 -9.12 -13.61 24.78
N THR A 75 -9.36 -14.54 25.71
CA THR A 75 -10.16 -15.72 25.41
C THR A 75 -11.63 -15.36 25.33
N LEU A 76 -12.40 -16.22 24.69
CA LEU A 76 -13.85 -16.10 24.74
C LEU A 76 -14.36 -16.06 26.18
N LYS A 77 -13.79 -16.90 27.05
CA LYS A 77 -14.21 -16.92 28.45
C LYS A 77 -13.88 -15.64 29.18
N GLU A 78 -12.65 -15.14 29.04
CA GLU A 78 -12.29 -13.84 29.61
C GLU A 78 -13.17 -12.69 29.13
N ARG A 79 -13.66 -12.82 27.89
CA ARG A 79 -14.42 -11.75 27.29
C ARG A 79 -15.85 -11.78 27.82
N LYS A 80 -16.44 -12.96 27.89
CA LYS A 80 -17.76 -13.10 28.49
C LYS A 80 -17.71 -12.54 29.91
N ASP A 81 -16.66 -12.90 30.64
CA ASP A 81 -16.55 -12.50 32.03
C ASP A 81 -16.47 -10.98 32.14
N PHE A 82 -15.69 -10.35 31.26
CA PHE A 82 -15.53 -8.88 31.34
C PHE A 82 -16.82 -8.13 31.00
N LEU A 83 -17.54 -8.57 29.98
CA LEU A 83 -18.83 -7.96 29.65
C LEU A 83 -19.78 -8.06 30.85
N LYS A 84 -19.70 -9.18 31.58
CA LYS A 84 -20.54 -9.35 32.75
C LYS A 84 -20.16 -8.33 33.82
N PHE A 85 -18.87 -8.18 34.09
CA PHE A 85 -18.43 -7.29 35.14
C PHE A 85 -18.93 -5.90 34.84
N VAL A 86 -18.64 -5.43 33.62
CA VAL A 86 -19.00 -4.09 33.23
C VAL A 86 -20.51 -3.88 33.30
N ARG A 87 -21.27 -4.87 32.86
CA ARG A 87 -22.73 -4.79 32.91
C ARG A 87 -23.21 -4.76 34.34
N GLU A 88 -22.45 -5.38 35.25
CA GLU A 88 -22.88 -5.51 36.63
C GLU A 88 -22.39 -4.39 37.54
N ASN A 89 -21.56 -3.50 37.02
CA ASN A 89 -21.00 -2.46 37.85
C ASN A 89 -21.20 -1.07 37.27
N SER A 90 -22.18 -0.98 36.38
CA SER A 90 -22.57 0.29 35.81
C SER A 90 -23.96 0.17 35.21
N LYS A 91 -24.74 1.23 35.31
CA LYS A 91 -26.05 1.27 34.66
C LYS A 91 -26.02 2.14 33.40
N LYS A 92 -24.81 2.50 32.97
CA LYS A 92 -24.66 3.14 31.67
C LYS A 92 -25.07 2.16 30.60
N PRO A 93 -25.69 2.65 29.53
CA PRO A 93 -25.98 1.75 28.41
C PRO A 93 -24.67 1.25 27.75
N ILE A 94 -24.63 -0.05 27.45
CA ILE A 94 -23.42 -0.71 27.00
C ILE A 94 -23.56 -1.12 25.54
N MET A 95 -22.47 -0.91 24.78
CA MET A 95 -22.29 -1.50 23.46
C MET A 95 -21.19 -2.55 23.55
N ALA A 96 -21.56 -3.82 23.45
CA ALA A 96 -20.56 -4.88 23.63
C ALA A 96 -19.79 -5.14 22.35
N GLY A 97 -18.46 -5.09 22.43
CA GLY A 97 -17.65 -5.55 21.34
C GLY A 97 -17.82 -7.03 21.26
N VAL A 98 -18.43 -7.53 20.18
CA VAL A 98 -18.64 -8.97 20.00
C VAL A 98 -17.80 -9.50 18.83
N GLY A 99 -16.70 -8.79 18.54
CA GLY A 99 -15.79 -9.11 17.45
C GLY A 99 -15.08 -10.44 17.57
N SER A 100 -14.85 -11.06 16.42
CA SER A 100 -14.18 -12.35 16.29
C SER A 100 -14.30 -12.78 14.83
N SER A 101 -13.30 -13.47 14.30
CA SER A 101 -13.40 -13.98 12.93
C SER A 101 -14.24 -15.25 12.87
N SER A 102 -14.52 -15.83 14.02
CA SER A 102 -15.39 -17.00 14.12
C SER A 102 -16.82 -16.54 14.32
N ILE A 103 -17.68 -16.86 13.35
CA ILE A 103 -19.10 -16.52 13.47
C ILE A 103 -19.71 -17.19 14.72
N ASN A 104 -19.13 -18.31 15.16
CA ASN A 104 -19.60 -18.99 16.38
C ASN A 104 -19.35 -18.18 17.65
N GLU A 105 -18.23 -17.47 17.71
CA GLU A 105 -17.92 -16.69 18.91
C GLU A 105 -18.81 -15.46 18.97
N VAL A 106 -19.12 -14.88 17.81
CA VAL A 106 -19.98 -13.72 17.74
C VAL A 106 -21.40 -14.07 18.26
N ASN A 107 -22.00 -15.13 17.72
CA ASN A 107 -23.33 -15.56 18.14
C ASN A 107 -23.39 -15.82 19.62
N GLU A 108 -22.38 -16.52 20.11
CA GLU A 108 -22.24 -16.78 21.53
C GLU A 108 -22.17 -15.46 22.33
N LEU A 109 -21.23 -14.59 21.96
CA LEU A 109 -21.03 -13.30 22.63
C LEU A 109 -22.25 -12.37 22.56
N MET A 110 -23.01 -12.48 21.48
CA MET A 110 -24.20 -11.62 21.33
C MET A 110 -25.35 -12.17 22.16
N LYS A 111 -25.57 -13.47 22.06
CA LYS A 111 -26.57 -14.18 22.85
C LYS A 111 -26.36 -13.93 24.33
N PHE A 112 -25.10 -13.98 24.74
CA PHE A 112 -24.72 -13.79 26.13
C PHE A 112 -24.96 -12.35 26.59
N SER A 113 -24.68 -11.39 25.72
CA SER A 113 -24.82 -9.98 26.10
C SER A 113 -26.29 -9.52 25.98
N MET A 114 -27.07 -10.17 25.13
CA MET A 114 -28.51 -9.95 25.14
C MET A 114 -29.12 -10.45 26.46
N ASP A 115 -28.74 -11.66 26.86
CA ASP A 115 -29.32 -12.31 28.04
C ASP A 115 -28.93 -11.65 29.37
N ILE A 116 -27.89 -10.82 29.39
CA ILE A 116 -27.52 -10.08 30.60
C ILE A 116 -27.88 -8.60 30.46
N GLY A 117 -28.69 -8.28 29.46
CA GLY A 117 -29.18 -6.93 29.28
C GLY A 117 -28.17 -5.88 28.80
N ILE A 118 -27.31 -6.25 27.86
CA ILE A 118 -26.47 -5.25 27.22
C ILE A 118 -27.28 -4.72 26.04
N GLU A 119 -27.38 -3.41 25.96
CA GLU A 119 -28.24 -2.76 24.98
C GLU A 119 -27.86 -3.02 23.52
N ALA A 120 -26.57 -3.02 23.22
CA ALA A 120 -26.14 -3.06 21.82
C ALA A 120 -24.90 -3.90 21.63
N ALA A 121 -24.77 -4.46 20.43
CA ALA A 121 -23.56 -5.15 20.04
C ALA A 121 -22.81 -4.25 19.07
N VAL A 122 -21.50 -4.46 18.98
CA VAL A 122 -20.65 -3.81 18.01
C VAL A 122 -19.77 -4.84 17.31
N LEU A 123 -19.86 -4.88 15.99
CA LEU A 123 -19.19 -5.90 15.20
C LEU A 123 -18.46 -5.30 13.99
N MET A 124 -17.16 -5.60 13.88
CA MET A 124 -16.37 -5.23 12.70
C MET A 124 -16.21 -6.44 11.79
N PRO A 125 -15.77 -6.21 10.56
CA PRO A 125 -15.70 -7.41 9.72
C PRO A 125 -14.63 -8.41 10.17
N PRO A 126 -14.78 -9.69 9.78
CA PRO A 126 -13.76 -10.69 10.06
C PRO A 126 -12.42 -10.28 9.53
N TYR A 127 -11.35 -10.79 10.16
CA TYR A 127 -10.01 -10.37 9.86
C TYR A 127 -9.12 -11.57 9.53
N TYR A 128 -7.81 -11.35 9.55
CA TYR A 128 -6.79 -12.31 9.13
C TYR A 128 -6.82 -12.52 7.60
N ILE A 129 -7.68 -13.42 7.12
CA ILE A 129 -7.85 -13.64 5.69
C ILE A 129 -8.54 -12.45 5.04
N LYS A 130 -7.97 -12.01 3.91
CA LYS A 130 -8.52 -10.89 3.14
C LYS A 130 -9.84 -11.30 2.52
N LEU A 131 -10.85 -10.43 2.69
CA LEU A 131 -12.19 -10.69 2.19
C LEU A 131 -12.71 -9.60 1.27
N ASN A 132 -13.44 -10.01 0.23
CA ASN A 132 -14.22 -9.08 -0.58
C ASN A 132 -15.56 -8.74 0.13
N GLN A 133 -16.42 -7.98 -0.53
CA GLN A 133 -17.68 -7.54 0.09
C GLN A 133 -18.79 -8.63 0.13
N GLU A 134 -18.77 -9.61 -0.79
CA GLU A 134 -19.77 -10.67 -0.77
C GLU A 134 -19.59 -11.55 0.50
N ALA A 135 -18.35 -11.86 0.82
CA ALA A 135 -18.04 -12.67 1.98
C ALA A 135 -18.43 -11.94 3.25
N ILE A 136 -18.13 -10.66 3.26
CA ILE A 136 -18.40 -9.81 4.41
C ILE A 136 -19.90 -9.69 4.56
N TYR A 137 -20.59 -9.44 3.46
CA TYR A 137 -22.04 -9.36 3.48
C TYR A 137 -22.65 -10.66 4.05
N HIS A 138 -22.37 -11.79 3.41
CA HIS A 138 -22.91 -13.07 3.85
C HIS A 138 -22.61 -13.35 5.34
N TYR A 139 -21.46 -12.90 5.80
CA TYR A 139 -21.11 -13.10 7.20
C TYR A 139 -22.02 -12.28 8.15
N TYR A 140 -22.21 -10.99 7.87
CA TYR A 140 -23.16 -10.17 8.61
C TYR A 140 -24.59 -10.70 8.44
N LYS A 141 -24.89 -11.21 7.26
CA LYS A 141 -26.20 -11.76 6.96
C LYS A 141 -26.56 -12.91 7.92
N GLU A 142 -25.68 -13.91 7.99
CA GLU A 142 -25.92 -15.07 8.80
C GLU A 142 -26.08 -14.70 10.25
N ILE A 143 -25.31 -13.69 10.67
CA ILE A 143 -25.26 -13.31 12.06
C ILE A 143 -26.53 -12.52 12.45
N LEU A 144 -26.84 -11.49 11.67
CA LEU A 144 -28.00 -10.66 11.91
C LEU A 144 -29.30 -11.45 11.85
N SER A 145 -29.27 -12.58 11.15
CA SER A 145 -30.45 -13.43 11.01
C SER A 145 -30.71 -14.24 12.26
N SER A 146 -29.77 -14.20 13.21
CA SER A 146 -29.85 -15.02 14.42
C SER A 146 -29.84 -14.18 15.70
N ASN A 147 -29.87 -12.86 15.56
CA ASN A 147 -29.75 -12.00 16.72
C ASN A 147 -30.49 -10.68 16.52
N ASP A 148 -31.57 -10.54 17.26
CA ASP A 148 -32.47 -9.42 17.11
C ASP A 148 -31.86 -8.11 17.66
N MET A 149 -30.91 -8.24 18.57
CA MET A 149 -30.45 -7.08 19.35
C MET A 149 -29.84 -5.97 18.49
N ASP A 150 -29.77 -4.80 19.11
CA ASP A 150 -29.21 -3.63 18.46
C ASP A 150 -27.74 -3.85 18.13
N LEU A 151 -27.37 -3.56 16.88
CA LEU A 151 -25.99 -3.73 16.46
C LEU A 151 -25.51 -2.53 15.67
N LEU A 152 -24.30 -2.08 16.02
CA LEU A 152 -23.60 -1.06 15.26
C LEU A 152 -22.45 -1.71 14.51
N ILE A 153 -22.47 -1.54 13.20
CA ILE A 153 -21.38 -1.98 12.37
C ILE A 153 -20.17 -1.09 12.63
N TYR A 154 -19.00 -1.71 12.59
CA TYR A 154 -17.77 -1.04 12.95
C TYR A 154 -16.77 -1.15 11.78
N ASN A 155 -16.38 0.00 11.23
CA ASN A 155 -15.47 -0.04 10.10
C ASN A 155 -14.12 0.49 10.55
N ILE A 156 -13.12 -0.38 10.55
CA ILE A 156 -11.78 -0.01 10.96
C ILE A 156 -10.78 -0.73 10.02
N PRO A 157 -10.60 -0.20 8.78
CA PRO A 157 -9.83 -0.90 7.74
C PRO A 157 -8.33 -1.04 8.05
N GLN A 158 -7.86 -0.30 9.04
CA GLN A 158 -6.50 -0.47 9.55
C GLN A 158 -6.26 -1.86 10.13
N PHE A 159 -7.28 -2.44 10.77
CA PHE A 159 -7.08 -3.66 11.53
C PHE A 159 -7.77 -4.85 10.90
N THR A 160 -8.81 -4.59 10.10
CA THR A 160 -9.56 -5.66 9.46
C THR A 160 -10.00 -5.29 8.04
N ASN A 161 -10.63 -6.23 7.35
CA ASN A 161 -11.22 -5.97 6.04
C ASN A 161 -12.19 -4.81 6.11
N LYS A 162 -12.08 -3.90 5.14
CA LYS A 162 -12.99 -2.75 5.07
C LYS A 162 -14.38 -3.23 4.70
N ILE A 163 -15.39 -2.52 5.19
CA ILE A 163 -16.76 -2.76 4.72
C ILE A 163 -17.19 -1.50 3.95
N ASP A 164 -17.57 -1.67 2.69
CA ASP A 164 -17.93 -0.52 1.85
C ASP A 164 -19.23 0.11 2.33
N PRO A 165 -19.39 1.41 2.13
CA PRO A 165 -20.68 2.07 2.41
C PRO A 165 -21.89 1.39 1.77
N GLU A 166 -21.73 0.93 0.54
CA GLU A 166 -22.80 0.22 -0.16
C GLU A 166 -23.24 -0.99 0.62
N THR A 167 -22.26 -1.75 1.11
CA THR A 167 -22.53 -2.97 1.85
C THR A 167 -23.27 -2.66 3.15
N VAL A 168 -23.00 -1.48 3.72
CA VAL A 168 -23.64 -1.13 4.98
C VAL A 168 -25.09 -0.72 4.70
N LYS A 169 -25.28 0.03 3.62
CA LYS A 169 -26.60 0.40 3.12
C LYS A 169 -27.46 -0.84 2.91
N ASN A 170 -26.93 -1.82 2.18
CA ASN A 170 -27.66 -3.04 1.94
C ASN A 170 -28.11 -3.71 3.23
N LEU A 171 -27.18 -3.93 4.16
CA LEU A 171 -27.50 -4.58 5.41
C LEU A 171 -28.52 -3.76 6.20
N LYS A 172 -28.42 -2.44 6.05
CA LYS A 172 -29.30 -1.52 6.76
C LYS A 172 -30.75 -1.87 6.44
N SER A 173 -31.05 -1.90 5.15
CA SER A 173 -32.42 -2.12 4.69
C SER A 173 -32.92 -3.54 4.98
N GLU A 174 -32.02 -4.50 5.02
CA GLU A 174 -32.40 -5.92 5.19
C GLU A 174 -32.54 -6.33 6.67
N PHE A 175 -32.04 -5.52 7.59
CA PHE A 175 -32.16 -5.82 9.02
C PHE A 175 -32.29 -4.55 9.81
N SER A 176 -33.48 -4.36 10.39
CA SER A 176 -33.77 -3.19 11.18
C SER A 176 -32.91 -3.16 12.44
N SER A 177 -32.44 -4.33 12.86
CA SER A 177 -31.58 -4.45 14.04
C SER A 177 -30.30 -3.63 13.94
N VAL A 178 -29.86 -3.32 12.72
CA VAL A 178 -28.69 -2.48 12.53
C VAL A 178 -29.09 -1.03 12.81
N LYS A 179 -28.51 -0.50 13.88
CA LYS A 179 -28.86 0.81 14.41
C LYS A 179 -27.81 1.89 14.14
N GLY A 180 -26.72 1.56 13.47
CA GLY A 180 -25.70 2.55 13.16
C GLY A 180 -24.41 1.98 12.60
N VAL A 181 -23.43 2.87 12.43
CA VAL A 181 -22.11 2.52 11.92
C VAL A 181 -21.04 3.39 12.57
N LYS A 182 -19.92 2.78 12.92
CA LYS A 182 -18.79 3.49 13.53
C LYS A 182 -17.63 3.37 12.59
N ASP A 183 -16.96 4.49 12.35
CA ASP A 183 -15.85 4.53 11.41
C ASP A 183 -14.57 5.14 11.99
N SER A 184 -13.50 4.35 11.99
CA SER A 184 -12.18 4.78 12.49
C SER A 184 -11.13 4.92 11.37
N SER A 185 -11.57 4.82 10.12
CA SER A 185 -10.68 4.91 8.96
C SER A 185 -9.88 6.21 8.90
N ALA A 186 -10.42 7.27 9.48
CA ALA A 186 -9.81 8.62 9.42
C ALA A 186 -9.80 9.18 7.98
N ASP A 187 -10.61 8.55 7.12
CA ASP A 187 -10.78 8.96 5.73
C ASP A 187 -12.03 9.83 5.59
N ILE A 188 -11.84 11.12 5.41
CA ILE A 188 -12.98 12.01 5.53
C ILE A 188 -14.02 11.78 4.42
N ARG A 189 -13.60 11.58 3.17
CA ARG A 189 -14.54 11.26 2.09
C ARG A 189 -15.37 10.02 2.38
N GLY A 190 -14.68 8.97 2.84
CA GLY A 190 -15.31 7.71 3.19
C GLY A 190 -16.32 7.90 4.30
N PHE A 191 -15.98 8.74 5.28
CA PHE A 191 -16.87 9.03 6.39
C PHE A 191 -18.12 9.75 5.90
N MET A 192 -17.96 10.67 4.95
CA MET A 192 -19.12 11.37 4.43
C MET A 192 -20.05 10.40 3.67
N GLU A 193 -19.48 9.43 2.95
CA GLU A 193 -20.31 8.37 2.36
C GLU A 193 -21.14 7.70 3.44
N MET A 194 -20.50 7.35 4.57
CA MET A 194 -21.20 6.69 5.68
C MET A 194 -22.30 7.62 6.24
N LEU A 195 -21.96 8.90 6.38
CA LEU A 195 -22.93 9.90 6.84
C LEU A 195 -24.14 10.01 5.94
N SER A 196 -23.97 9.68 4.66
CA SER A 196 -25.09 9.71 3.72
C SER A 196 -26.12 8.61 4.03
N LEU A 197 -25.77 7.70 4.94
CA LEU A 197 -26.65 6.63 5.40
C LEU A 197 -27.35 7.05 6.69
N SER A 198 -27.01 8.24 7.18
CA SER A 198 -27.54 8.71 8.45
C SER A 198 -29.06 8.90 8.39
N ASP A 199 -29.75 8.52 9.46
CA ASP A 199 -31.15 8.88 9.65
C ASP A 199 -31.55 8.71 11.12
N ASP A 200 -32.84 8.57 11.38
CA ASP A 200 -33.34 8.62 12.75
C ASP A 200 -33.16 7.31 13.50
N ASP A 201 -33.09 6.20 12.76
CA ASP A 201 -32.78 4.88 13.32
C ASP A 201 -31.43 4.35 12.83
N PHE A 202 -30.56 5.27 12.42
CA PHE A 202 -29.22 4.88 11.98
C PHE A 202 -28.18 5.96 12.33
N ALA A 203 -27.32 5.64 13.30
CA ALA A 203 -26.29 6.54 13.80
C ALA A 203 -24.98 6.38 13.01
N VAL A 204 -24.16 7.42 13.03
CA VAL A 204 -22.86 7.40 12.38
C VAL A 204 -21.83 8.04 13.31
N PHE A 205 -20.97 7.21 13.90
CA PHE A 205 -20.00 7.71 14.88
C PHE A 205 -18.59 7.88 14.30
N GLN A 206 -17.94 8.98 14.66
CA GLN A 206 -16.56 9.21 14.31
C GLN A 206 -15.66 8.54 15.36
N GLY A 207 -14.74 7.69 14.89
CA GLY A 207 -13.93 6.88 15.77
C GLY A 207 -12.61 7.50 16.13
N GLN A 208 -12.29 8.63 15.52
CA GLN A 208 -11.02 9.30 15.77
C GLN A 208 -11.25 10.62 16.47
N ASP A 209 -10.69 10.73 17.67
CA ASP A 209 -10.94 11.85 18.57
C ASP A 209 -10.62 13.21 17.96
N ASP A 210 -9.55 13.30 17.17
CA ASP A 210 -9.19 14.60 16.62
C ASP A 210 -10.13 15.04 15.50
N LEU A 211 -10.94 14.12 14.99
CA LEU A 211 -11.83 14.41 13.89
C LEU A 211 -13.28 14.68 14.32
N LEU A 212 -13.53 14.61 15.62
CA LEU A 212 -14.87 14.77 16.15
C LEU A 212 -15.54 16.08 15.75
N PHE A 213 -14.79 17.18 15.83
CA PHE A 213 -15.40 18.47 15.53
C PHE A 213 -15.84 18.55 14.06
N THR A 214 -14.93 18.21 13.15
CA THR A 214 -15.28 18.09 11.74
C THR A 214 -16.49 17.17 11.54
N SER A 215 -16.51 16.04 12.26
CA SER A 215 -17.56 15.05 12.07
C SER A 215 -18.92 15.57 12.55
N LEU A 216 -18.92 16.29 13.67
CA LEU A 216 -20.16 16.90 14.14
C LEU A 216 -20.62 17.94 13.10
N GLU A 217 -19.69 18.74 12.58
CA GLU A 217 -20.04 19.77 11.60
C GLU A 217 -20.77 19.16 10.41
N LEU A 218 -20.40 17.93 10.07
CA LEU A 218 -20.95 17.23 8.92
C LEU A 218 -22.16 16.35 9.26
N GLY A 219 -22.59 16.36 10.52
CA GLY A 219 -23.77 15.63 10.92
C GLY A 219 -23.56 14.31 11.67
N ALA A 220 -22.35 14.06 12.17
CA ALA A 220 -22.12 12.81 12.93
C ALA A 220 -22.98 12.75 14.20
N SER A 221 -23.47 11.55 14.52
CA SER A 221 -24.26 11.34 15.73
C SER A 221 -23.40 11.48 17.00
N GLY A 222 -22.08 11.46 16.84
CA GLY A 222 -21.16 11.59 17.96
C GLY A 222 -19.85 10.85 17.71
N GLY A 223 -19.08 10.62 18.76
CA GLY A 223 -17.81 9.95 18.62
C GLY A 223 -17.61 8.74 19.51
N VAL A 224 -16.76 7.83 19.04
CA VAL A 224 -16.18 6.77 19.86
C VAL A 224 -14.71 7.11 20.06
N CYS A 225 -14.35 7.53 21.28
CA CYS A 225 -13.09 8.22 21.50
C CYS A 225 -12.28 7.66 22.67
N GLY A 226 -11.19 6.97 22.36
CA GLY A 226 -10.38 6.31 23.36
C GLY A 226 -9.78 7.21 24.44
N THR A 227 -9.56 8.48 24.12
CA THR A 227 -8.98 9.39 25.09
C THR A 227 -9.90 9.62 26.30
N THR A 228 -11.17 9.23 26.19
CA THR A 228 -12.08 9.39 27.32
C THR A 228 -11.74 8.43 28.48
N ASN A 229 -10.83 7.50 28.25
CA ASN A 229 -10.39 6.60 29.29
C ASN A 229 -9.65 7.33 30.42
N PHE A 230 -9.20 8.56 30.16
CA PHE A 230 -8.39 9.30 31.12
C PHE A 230 -8.40 10.80 30.84
N SER A 231 -9.33 11.24 30.01
CA SER A 231 -9.46 12.66 29.69
C SER A 231 -10.91 13.02 29.38
N ASP A 232 -11.38 14.11 29.95
CA ASP A 232 -12.74 14.59 29.73
C ASP A 232 -12.83 15.52 28.50
N GLY A 233 -11.68 15.81 27.90
CA GLY A 233 -11.60 16.73 26.76
C GLY A 233 -12.65 16.51 25.69
N ILE A 234 -12.74 15.30 25.18
CA ILE A 234 -13.75 14.96 24.18
C ILE A 234 -15.17 15.24 24.66
N VAL A 235 -15.46 15.03 25.94
CA VAL A 235 -16.84 15.19 26.42
C VAL A 235 -17.23 16.67 26.57
N ARG A 236 -16.33 17.49 27.12
CA ARG A 236 -16.52 18.93 27.13
C ARG A 236 -16.83 19.41 25.72
N LEU A 237 -15.97 19.02 24.77
CA LEU A 237 -16.13 19.38 23.37
C LEU A 237 -17.55 19.16 22.87
N TYR A 238 -18.05 17.95 23.03
CA TYR A 238 -19.38 17.58 22.54
C TYR A 238 -20.49 18.42 23.16
N HIS A 239 -20.35 18.77 24.43
CA HIS A 239 -21.40 19.54 25.12
C HIS A 239 -21.28 21.02 24.82
N GLU A 240 -20.06 21.49 24.64
CA GLU A 240 -19.82 22.89 24.30
C GLU A 240 -20.32 23.19 22.88
N TYR A 241 -20.15 22.22 21.99
CA TYR A 241 -20.47 22.38 20.57
C TYR A 241 -21.87 22.95 20.32
N LYS A 242 -22.79 22.69 21.25
CA LYS A 242 -24.20 23.06 21.12
C LYS A 242 -24.39 24.56 20.97
N ASN A 243 -23.93 25.31 21.96
CA ASN A 243 -24.14 26.75 22.02
C ASN A 243 -22.91 27.54 21.60
N ASN A 244 -21.72 26.98 21.81
CA ASN A 244 -20.47 27.66 21.48
C ASN A 244 -19.60 26.81 20.54
N ARG A 245 -19.78 27.04 19.24
CA ARG A 245 -19.12 26.26 18.20
C ARG A 245 -17.61 26.45 18.22
N GLU A 246 -17.16 27.70 18.12
CA GLU A 246 -15.73 28.01 18.15
C GLU A 246 -15.06 27.45 19.41
N MET A 247 -15.79 27.40 20.52
CA MET A 247 -15.23 26.89 21.79
C MET A 247 -14.93 25.39 21.74
N ALA A 248 -15.89 24.63 21.23
CA ALA A 248 -15.65 23.21 20.98
C ALA A 248 -14.39 23.03 20.14
N LEU A 249 -14.28 23.79 19.06
CA LEU A 249 -13.14 23.72 18.17
C LEU A 249 -11.82 23.99 18.90
N LYS A 250 -11.86 24.91 19.86
CA LYS A 250 -10.67 25.29 20.61
C LYS A 250 -10.21 24.12 21.47
N ILE A 251 -11.19 23.48 22.12
CA ILE A 251 -10.94 22.28 22.91
C ILE A 251 -10.29 21.21 22.03
N GLU A 252 -10.84 21.01 20.86
CA GLU A 252 -10.31 20.03 19.92
C GLU A 252 -8.84 20.32 19.57
N LYS A 253 -8.52 21.59 19.34
CA LYS A 253 -7.21 21.95 18.82
C LYS A 253 -6.15 22.00 19.91
N ASN A 254 -6.52 22.48 21.09
CA ASN A 254 -5.56 22.64 22.17
C ASN A 254 -5.46 21.44 23.11
N ASP A 255 -6.54 20.66 23.21
CA ASP A 255 -6.59 19.57 24.19
C ASP A 255 -6.53 18.19 23.54
N VAL A 256 -7.55 17.87 22.75
CA VAL A 256 -7.69 16.55 22.16
C VAL A 256 -6.55 16.24 21.17
N ILE A 257 -6.39 17.12 20.19
CA ILE A 257 -5.46 16.88 19.08
C ILE A 257 -4.02 16.78 19.56
N PRO A 258 -3.61 17.64 20.51
CA PRO A 258 -2.24 17.50 21.01
C PRO A 258 -2.06 16.24 21.83
N LEU A 259 -3.11 15.84 22.54
CA LEU A 259 -3.09 14.56 23.26
C LEU A 259 -3.04 13.36 22.31
N MET A 260 -3.86 13.42 21.25
CA MET A 260 -3.87 12.39 20.22
C MET A 260 -2.50 12.24 19.54
N LYS A 261 -1.73 13.32 19.48
CA LYS A 261 -0.41 13.27 18.86
C LYS A 261 0.57 12.56 19.77
N LYS A 262 0.53 12.92 21.06
CA LYS A 262 1.33 12.25 22.07
C LYS A 262 1.08 10.75 22.01
N LEU A 263 -0.20 10.35 22.11
CA LEU A 263 -0.58 8.93 22.12
C LEU A 263 -0.18 8.14 20.86
N GLY A 264 -0.05 8.86 19.74
CA GLY A 264 0.21 8.25 18.44
C GLY A 264 1.68 8.09 18.11
N LYS A 265 2.54 8.70 18.92
CA LYS A 265 3.97 8.50 18.81
C LYS A 265 4.35 7.08 19.23
N TYR A 266 3.39 6.32 19.75
CA TYR A 266 3.65 5.00 20.28
C TYR A 266 2.76 3.93 19.65
N GLN A 267 3.28 2.70 19.66
CA GLN A 267 2.60 1.50 19.18
C GLN A 267 1.22 1.37 19.83
N PHE A 268 0.17 1.31 19.02
CA PHE A 268 -1.20 1.25 19.52
C PHE A 268 -1.48 -0.08 20.26
N PRO A 269 -2.24 -0.05 21.37
CA PRO A 269 -2.82 1.06 22.15
C PRO A 269 -2.08 1.26 23.46
N ASN A 270 -0.83 0.81 23.50
CA ASN A 270 -0.11 0.68 24.76
C ASN A 270 -0.08 1.98 25.57
N ALA A 271 0.12 3.11 24.90
CA ALA A 271 0.20 4.42 25.56
C ALA A 271 -1.09 4.73 26.34
N TYR A 272 -2.23 4.26 25.83
CA TYR A 272 -3.52 4.47 26.50
C TYR A 272 -3.51 3.79 27.86
N TYR A 273 -2.88 2.64 27.90
CA TYR A 273 -2.82 1.86 29.12
C TYR A 273 -1.91 2.54 30.13
N GLU A 274 -0.70 2.91 29.72
CA GLU A 274 0.19 3.61 30.63
C GLU A 274 -0.50 4.87 31.17
N TYR A 275 -1.14 5.61 30.28
CA TYR A 275 -1.69 6.90 30.63
C TYR A 275 -2.75 6.70 31.69
N PHE A 276 -3.51 5.62 31.57
CA PHE A 276 -4.53 5.29 32.54
C PHE A 276 -3.90 4.82 33.86
N TYR A 277 -2.79 4.10 33.75
CA TYR A 277 -2.16 3.52 34.92
C TYR A 277 -1.55 4.60 35.79
N LYS A 278 -0.81 5.51 35.14
CA LYS A 278 -0.13 6.59 35.85
C LYS A 278 -1.13 7.54 36.49
N LYS A 279 -2.23 7.79 35.82
CA LYS A 279 -3.20 8.78 36.28
C LYS A 279 -3.86 8.34 37.57
N ASN A 280 -4.24 7.07 37.63
CA ASN A 280 -4.85 6.50 38.82
C ASN A 280 -3.80 5.84 39.72
N ASN A 281 -2.53 6.10 39.42
CA ASN A 281 -1.42 5.51 40.17
C ASN A 281 -1.56 3.98 40.32
N ILE A 282 -1.99 3.31 39.27
CA ILE A 282 -2.15 1.87 39.33
C ILE A 282 -0.94 1.18 38.73
N ASN A 283 -0.58 0.06 39.32
CA ASN A 283 0.52 -0.77 38.84
C ASN A 283 -0.01 -1.79 37.83
N GLY A 284 -0.16 -1.35 36.58
CA GLY A 284 -0.82 -2.14 35.56
C GLY A 284 0.12 -2.76 34.56
N GLY A 285 -0.33 -3.82 33.90
CA GLY A 285 0.52 -4.59 33.02
C GLY A 285 0.05 -4.73 31.58
N TYR A 286 0.74 -5.61 30.87
CA TYR A 286 0.62 -5.70 29.44
C TYR A 286 0.71 -7.14 28.97
N ARG A 287 -0.39 -7.68 28.46
CA ARG A 287 -0.38 -8.99 27.82
C ARG A 287 0.32 -8.87 26.46
N PRO A 288 1.44 -9.57 26.29
CA PRO A 288 2.03 -9.63 24.94
C PRO A 288 0.97 -9.94 23.89
N PRO A 289 1.03 -9.30 22.72
CA PRO A 289 2.10 -8.42 22.18
C PRO A 289 2.13 -6.98 22.72
N MET A 290 1.21 -6.59 23.60
CA MET A 290 1.33 -5.32 24.29
C MET A 290 2.70 -5.26 24.98
N TYR A 291 3.19 -4.05 25.22
CA TYR A 291 4.39 -3.87 26.04
C TYR A 291 4.46 -2.44 26.57
N ARG A 292 5.15 -2.24 27.68
CA ARG A 292 5.28 -0.91 28.28
C ARG A 292 6.07 0.02 27.35
N VAL A 293 5.69 1.29 27.32
CA VAL A 293 6.13 2.20 26.28
C VAL A 293 6.93 3.39 26.80
N GLY A 294 6.31 4.18 27.67
CA GLY A 294 6.87 5.43 28.15
C GLY A 294 6.11 6.62 27.56
N ILE A 295 5.18 7.16 28.33
CA ILE A 295 4.43 8.35 27.95
C ILE A 295 4.54 9.32 29.12
N GLU A 296 4.49 10.62 28.82
CA GLU A 296 4.91 11.66 29.77
C GLU A 296 3.77 12.30 30.57
N ILE A 297 2.52 11.93 30.27
CA ILE A 297 1.34 12.29 31.06
C ILE A 297 1.43 13.63 31.78
N MET B 24 16.02 -31.59 11.17
CA MET B 24 15.42 -32.81 10.57
C MET B 24 14.06 -32.52 9.91
N TYR B 25 13.63 -31.26 9.91
CA TYR B 25 12.37 -30.91 9.24
C TYR B 25 12.63 -30.65 7.78
N LYS B 26 11.92 -31.41 6.95
CA LYS B 26 12.26 -31.50 5.54
C LYS B 26 11.12 -32.13 4.75
N GLY B 27 10.88 -31.62 3.54
CA GLY B 27 9.92 -32.22 2.64
C GLY B 27 8.64 -31.43 2.45
N ILE B 28 7.56 -32.16 2.17
CA ILE B 28 6.27 -31.56 1.82
C ILE B 28 5.26 -31.67 2.96
N VAL B 29 4.69 -30.51 3.28
CA VAL B 29 3.70 -30.38 4.33
C VAL B 29 2.37 -30.01 3.70
N CYS B 30 1.30 -30.73 4.05
CA CYS B 30 -0.04 -30.31 3.64
C CYS B 30 -0.69 -29.36 4.65
N PRO B 31 -0.99 -28.12 4.22
CA PRO B 31 -1.79 -27.28 5.11
C PRO B 31 -3.22 -27.70 4.90
N MET B 32 -3.66 -28.65 5.71
CA MET B 32 -4.94 -29.30 5.49
C MET B 32 -6.07 -28.28 5.46
N ILE B 33 -7.03 -28.49 4.57
CA ILE B 33 -8.31 -27.83 4.77
C ILE B 33 -8.95 -28.47 6.00
N THR B 34 -9.87 -27.73 6.61
CA THR B 34 -10.74 -28.24 7.65
C THR B 34 -12.12 -28.49 7.04
N PRO B 35 -12.31 -29.66 6.40
CA PRO B 35 -13.56 -29.89 5.65
C PRO B 35 -14.82 -29.74 6.50
N LEU B 36 -15.85 -29.12 5.92
CA LEU B 36 -17.08 -28.82 6.64
C LEU B 36 -18.27 -29.53 6.03
N ASP B 37 -19.29 -29.76 6.87
CA ASP B 37 -20.59 -30.25 6.41
C ASP B 37 -21.40 -29.06 5.95
N ALA B 38 -22.59 -29.33 5.39
CA ALA B 38 -23.48 -28.28 4.88
C ALA B 38 -23.85 -27.21 5.91
N HIS B 39 -23.75 -27.53 7.19
CA HIS B 39 -24.08 -26.56 8.25
C HIS B 39 -22.85 -25.74 8.71
N GLY B 40 -21.71 -25.96 8.06
CA GLY B 40 -20.51 -25.20 8.35
C GLY B 40 -19.76 -25.63 9.59
N ASN B 41 -20.02 -26.85 10.06
CA ASN B 41 -19.25 -27.45 11.14
C ASN B 41 -18.31 -28.54 10.64
N ILE B 42 -17.34 -28.89 11.47
CA ILE B 42 -16.28 -29.81 11.06
C ILE B 42 -16.86 -31.19 10.75
N ASP B 43 -16.49 -31.70 9.58
CA ASP B 43 -16.86 -33.02 9.11
C ASP B 43 -15.71 -33.99 9.38
N TYR B 44 -15.86 -34.81 10.42
CA TYR B 44 -14.79 -35.69 10.82
C TYR B 44 -14.71 -36.94 9.93
N ASN B 45 -15.81 -37.28 9.26
CA ASN B 45 -15.74 -38.34 8.24
C ASN B 45 -14.90 -37.89 7.04
N ALA B 46 -15.25 -36.74 6.48
CA ALA B 46 -14.48 -36.16 5.37
C ALA B 46 -13.03 -35.86 5.76
N THR B 47 -12.79 -35.50 7.03
CA THR B 47 -11.44 -35.23 7.53
C THR B 47 -10.59 -36.50 7.51
N ASN B 48 -11.22 -37.62 7.84
CA ASN B 48 -10.58 -38.93 7.72
C ASN B 48 -10.32 -39.27 6.24
N ILE B 49 -11.30 -38.98 5.38
CA ILE B 49 -11.11 -39.14 3.94
C ILE B 49 -9.87 -38.39 3.49
N LEU B 50 -9.71 -37.18 4.01
CA LEU B 50 -8.57 -36.32 3.65
C LEU B 50 -7.25 -36.94 4.12
N ILE B 51 -7.21 -37.33 5.39
CA ILE B 51 -5.99 -37.89 5.97
C ILE B 51 -5.54 -39.10 5.19
N LYS B 52 -6.47 -39.96 4.83
CA LYS B 52 -6.13 -41.15 4.07
C LYS B 52 -5.51 -40.71 2.74
N TYR B 53 -6.21 -39.84 2.02
CA TYR B 53 -5.73 -39.35 0.74
C TYR B 53 -4.32 -38.78 0.83
N LEU B 54 -4.03 -38.05 1.91
CA LEU B 54 -2.72 -37.43 2.08
C LEU B 54 -1.67 -38.50 2.37
N GLU B 55 -2.07 -39.54 3.08
CA GLU B 55 -1.18 -40.64 3.34
C GLU B 55 -0.90 -41.39 2.04
N GLY B 56 -1.89 -41.33 1.14
CA GLY B 56 -1.87 -42.08 -0.11
C GLY B 56 -1.29 -41.28 -1.26
N ILE B 57 -0.68 -40.15 -0.95
CA ILE B 57 0.20 -39.48 -1.90
C ILE B 57 1.49 -39.19 -1.17
N ASN B 58 1.61 -39.74 0.04
CA ASN B 58 2.87 -39.67 0.80
C ASN B 58 3.38 -38.24 1.03
N VAL B 59 2.50 -37.32 1.40
CA VAL B 59 2.94 -36.04 1.91
C VAL B 59 3.71 -36.35 3.19
N ASP B 60 4.63 -35.49 3.61
CA ASP B 60 5.50 -35.83 4.74
C ASP B 60 4.95 -35.39 6.09
N TYR B 61 4.32 -34.23 6.11
CA TYR B 61 3.70 -33.75 7.33
C TYR B 61 2.29 -33.28 7.08
N LEU B 62 1.49 -33.34 8.15
CA LEU B 62 0.17 -32.79 8.18
C LEU B 62 0.21 -31.54 9.04
N PHE B 63 -0.31 -30.45 8.48
CA PHE B 63 -0.41 -29.15 9.12
C PHE B 63 -1.87 -28.76 9.23
N PRO B 64 -2.54 -29.22 10.30
CA PRO B 64 -3.90 -28.76 10.62
C PRO B 64 -3.94 -27.36 11.22
N MET B 65 -4.96 -26.60 10.84
CA MET B 65 -5.25 -25.29 11.42
C MET B 65 -4.19 -24.26 11.06
N GLY B 66 -3.69 -24.36 9.84
CA GLY B 66 -3.00 -23.26 9.19
C GLY B 66 -4.04 -22.38 8.53
N SER B 67 -3.59 -21.42 7.71
CA SER B 67 -4.48 -20.47 7.05
C SER B 67 -5.46 -21.18 6.13
N THR B 68 -4.99 -22.24 5.49
CA THR B 68 -5.79 -22.98 4.52
C THR B 68 -6.94 -23.68 5.22
N GLY B 69 -6.68 -24.08 6.48
CA GLY B 69 -7.71 -24.66 7.33
C GLY B 69 -8.55 -23.62 8.03
N VAL B 70 -8.30 -22.35 7.67
CA VAL B 70 -9.04 -21.19 8.17
C VAL B 70 -9.23 -21.21 9.69
N PHE B 71 -8.14 -21.46 10.39
CA PHE B 71 -8.15 -21.61 11.84
C PHE B 71 -8.87 -20.50 12.64
N PRO B 72 -8.84 -19.24 12.18
CA PRO B 72 -9.49 -18.29 13.08
C PRO B 72 -11.03 -18.22 12.96
N TYR B 73 -11.61 -19.01 12.07
CA TYR B 73 -13.07 -19.07 12.01
C TYR B 73 -13.59 -20.10 13.03
N PHE B 74 -12.69 -20.74 13.76
CA PHE B 74 -13.07 -21.79 14.71
C PHE B 74 -12.89 -21.40 16.20
N THR B 75 -13.66 -22.02 17.08
CA THR B 75 -13.48 -21.77 18.50
C THR B 75 -12.26 -22.50 18.99
N LEU B 76 -11.76 -22.05 20.13
CA LEU B 76 -10.69 -22.75 20.81
C LEU B 76 -11.03 -24.23 20.96
N LYS B 77 -12.25 -24.54 21.39
CA LYS B 77 -12.66 -25.93 21.61
C LYS B 77 -12.72 -26.78 20.32
N GLU B 78 -13.28 -26.24 19.24
CA GLU B 78 -13.24 -26.93 17.93
C GLU B 78 -11.80 -27.18 17.46
N ARG B 79 -10.93 -26.19 17.63
CA ARG B 79 -9.56 -26.32 17.20
C ARG B 79 -8.88 -27.44 17.99
N LYS B 80 -9.13 -27.49 19.29
CA LYS B 80 -8.55 -28.52 20.15
C LYS B 80 -9.04 -29.88 19.69
N ASP B 81 -10.35 -30.00 19.47
CA ASP B 81 -10.93 -31.27 19.05
C ASP B 81 -10.39 -31.72 17.70
N PHE B 82 -10.05 -30.77 16.84
CA PHE B 82 -9.61 -31.09 15.49
C PHE B 82 -8.18 -31.59 15.49
N LEU B 83 -7.35 -31.03 16.37
CA LEU B 83 -5.97 -31.47 16.46
C LEU B 83 -5.90 -32.85 17.07
N LYS B 84 -6.81 -33.11 18.01
CA LYS B 84 -6.87 -34.39 18.69
C LYS B 84 -7.23 -35.47 17.68
N PHE B 85 -8.21 -35.16 16.84
CA PHE B 85 -8.65 -36.10 15.83
C PHE B 85 -7.52 -36.46 14.87
N VAL B 86 -6.81 -35.44 14.36
CA VAL B 86 -5.76 -35.70 13.38
C VAL B 86 -4.62 -36.44 14.06
N ARG B 87 -4.42 -36.20 15.34
CA ARG B 87 -3.42 -36.95 16.08
C ARG B 87 -3.79 -38.42 16.16
N GLU B 88 -5.02 -38.70 16.58
CA GLU B 88 -5.49 -40.07 16.74
C GLU B 88 -5.65 -40.88 15.44
N ASN B 89 -5.72 -40.21 14.29
CA ASN B 89 -6.09 -40.88 13.04
C ASN B 89 -5.01 -40.91 11.96
N SER B 90 -3.76 -40.67 12.33
CA SER B 90 -2.64 -40.84 11.41
C SER B 90 -1.30 -40.84 12.13
N LYS B 91 -0.36 -41.63 11.63
CA LYS B 91 0.95 -41.77 12.25
C LYS B 91 1.94 -40.84 11.60
N LYS B 92 1.49 -40.11 10.58
CA LYS B 92 2.29 -39.04 10.01
C LYS B 92 2.65 -38.03 11.10
N PRO B 93 3.86 -37.48 11.01
CA PRO B 93 4.19 -36.40 11.94
C PRO B 93 3.28 -35.18 11.68
N ILE B 94 2.95 -34.46 12.74
CA ILE B 94 2.03 -33.34 12.68
C ILE B 94 2.69 -32.05 13.10
N MET B 95 2.35 -30.98 12.37
CA MET B 95 2.67 -29.62 12.80
C MET B 95 1.35 -28.93 13.17
N ALA B 96 1.11 -28.70 14.45
CA ALA B 96 -0.14 -28.07 14.86
C ALA B 96 -0.10 -26.54 14.65
N GLY B 97 -1.08 -26.04 13.91
CA GLY B 97 -1.34 -24.62 13.86
C GLY B 97 -1.80 -24.19 15.24
N VAL B 98 -1.07 -23.27 15.85
CA VAL B 98 -1.40 -22.80 17.19
C VAL B 98 -1.69 -21.31 17.19
N GLY B 99 -1.96 -20.78 16.00
CA GLY B 99 -2.14 -19.35 15.79
C GLY B 99 -3.30 -18.78 16.56
N SER B 100 -3.09 -17.58 17.10
CA SER B 100 -4.11 -16.77 17.77
C SER B 100 -3.46 -15.46 18.21
N SER B 101 -4.22 -14.37 18.25
CA SER B 101 -3.64 -13.12 18.74
C SER B 101 -3.58 -13.14 20.27
N SER B 102 -4.29 -14.09 20.86
CA SER B 102 -4.37 -14.23 22.31
C SER B 102 -3.32 -15.21 22.81
N ILE B 103 -2.41 -14.74 23.65
CA ILE B 103 -1.30 -15.58 24.08
C ILE B 103 -1.78 -16.74 24.96
N ASN B 104 -2.93 -16.58 25.61
CA ASN B 104 -3.48 -17.66 26.43
C ASN B 104 -3.89 -18.85 25.54
N GLU B 105 -4.53 -18.54 24.42
CA GLU B 105 -4.95 -19.58 23.49
C GLU B 105 -3.74 -20.30 22.88
N VAL B 106 -2.65 -19.58 22.67
CA VAL B 106 -1.44 -20.22 22.13
C VAL B 106 -0.80 -21.14 23.19
N ASN B 107 -0.62 -20.65 24.42
CA ASN B 107 -0.09 -21.52 25.48
C ASN B 107 -0.97 -22.74 25.67
N GLU B 108 -2.27 -22.53 25.57
CA GLU B 108 -3.20 -23.65 25.77
C GLU B 108 -3.11 -24.66 24.63
N LEU B 109 -3.02 -24.18 23.39
CA LEU B 109 -3.00 -25.07 22.24
C LEU B 109 -1.67 -25.80 22.14
N MET B 110 -0.60 -25.12 22.52
CA MET B 110 0.73 -25.73 22.49
C MET B 110 0.87 -26.81 23.56
N LYS B 111 0.52 -26.47 24.80
CA LYS B 111 0.61 -27.41 25.91
C LYS B 111 -0.21 -28.63 25.56
N PHE B 112 -1.34 -28.38 24.90
CA PHE B 112 -2.24 -29.44 24.48
C PHE B 112 -1.65 -30.35 23.39
N SER B 113 -1.01 -29.74 22.38
CA SER B 113 -0.42 -30.49 21.26
C SER B 113 0.71 -31.41 21.71
N MET B 114 1.51 -30.93 22.65
CA MET B 114 2.64 -31.67 23.16
C MET B 114 2.14 -32.82 24.03
N ASP B 115 1.09 -32.53 24.81
CA ASP B 115 0.47 -33.54 25.66
C ASP B 115 -0.04 -34.74 24.86
N ILE B 116 -0.63 -34.50 23.69
CA ILE B 116 -1.20 -35.58 22.90
C ILE B 116 -0.24 -36.09 21.82
N GLY B 117 0.99 -35.57 21.83
CA GLY B 117 2.04 -36.11 20.96
C GLY B 117 2.17 -35.54 19.56
N ILE B 118 1.78 -34.28 19.38
CA ILE B 118 2.05 -33.58 18.13
C ILE B 118 3.52 -33.10 18.14
N GLU B 119 4.22 -33.36 17.04
CA GLU B 119 5.67 -33.15 17.01
C GLU B 119 6.05 -31.68 17.04
N ALA B 120 5.32 -30.87 16.27
CA ALA B 120 5.72 -29.48 16.05
C ALA B 120 4.54 -28.52 16.13
N ALA B 121 4.80 -27.32 16.65
CA ALA B 121 3.80 -26.26 16.63
C ALA B 121 4.13 -25.27 15.51
N VAL B 122 3.10 -24.67 14.91
CA VAL B 122 3.30 -23.59 13.92
C VAL B 122 2.60 -22.31 14.33
N LEU B 123 3.38 -21.23 14.42
CA LEU B 123 2.87 -19.97 14.93
C LEU B 123 3.30 -18.79 14.06
N MET B 124 2.32 -18.06 13.51
CA MET B 124 2.54 -16.77 12.85
C MET B 124 2.32 -15.64 13.86
N PRO B 125 2.78 -14.42 13.54
CA PRO B 125 2.60 -13.31 14.47
C PRO B 125 1.14 -12.96 14.73
N PRO B 126 0.85 -12.32 15.88
CA PRO B 126 -0.52 -11.89 16.18
C PRO B 126 -1.06 -10.90 15.13
N TYR B 127 -2.37 -10.82 15.02
CA TYR B 127 -2.97 -10.03 13.96
C TYR B 127 -3.99 -9.03 14.51
N TYR B 128 -4.77 -8.46 13.59
CA TYR B 128 -5.75 -7.42 13.86
C TYR B 128 -5.04 -6.08 14.10
N ILE B 129 -4.39 -5.91 15.24
CA ILE B 129 -3.73 -4.64 15.52
C ILE B 129 -2.36 -4.65 14.85
N LYS B 130 -1.95 -3.51 14.29
CA LYS B 130 -0.66 -3.45 13.60
C LYS B 130 0.46 -3.49 14.63
N LEU B 131 1.39 -4.41 14.44
CA LEU B 131 2.48 -4.62 15.37
C LEU B 131 3.86 -4.32 14.78
N ASN B 132 4.66 -3.53 15.50
CA ASN B 132 6.07 -3.38 15.16
C ASN B 132 6.82 -4.66 15.56
N GLN B 133 8.12 -4.68 15.37
CA GLN B 133 8.90 -5.89 15.60
C GLN B 133 9.12 -6.20 17.09
N GLU B 134 9.14 -5.17 17.92
CA GLU B 134 9.42 -5.34 19.34
C GLU B 134 8.23 -6.03 20.05
N ALA B 135 7.02 -5.61 19.70
CA ALA B 135 5.81 -6.27 20.16
C ALA B 135 5.83 -7.73 19.73
N ILE B 136 6.10 -7.97 18.46
CA ILE B 136 6.11 -9.32 17.92
C ILE B 136 7.17 -10.15 18.64
N TYR B 137 8.31 -9.53 18.98
CA TYR B 137 9.36 -10.24 19.71
C TYR B 137 8.94 -10.63 21.14
N HIS B 138 8.44 -9.67 21.91
N HIS B 138 8.44 -9.66 21.90
CA HIS B 138 8.02 -9.92 23.28
CA HIS B 138 7.98 -9.90 23.27
C HIS B 138 6.95 -11.03 23.35
C HIS B 138 7.00 -11.07 23.32
N TYR B 139 6.17 -11.14 22.28
CA TYR B 139 5.14 -12.14 22.20
C TYR B 139 5.68 -13.56 21.96
N TYR B 140 6.56 -13.72 20.97
CA TYR B 140 7.19 -15.00 20.75
C TYR B 140 8.04 -15.41 21.95
N LYS B 141 8.81 -14.46 22.46
CA LYS B 141 9.66 -14.66 23.62
C LYS B 141 8.87 -15.30 24.76
N GLU B 142 7.77 -14.67 25.11
CA GLU B 142 6.96 -15.14 26.21
C GLU B 142 6.48 -16.57 25.96
N ILE B 143 6.06 -16.85 24.74
CA ILE B 143 5.47 -18.14 24.43
C ILE B 143 6.55 -19.22 24.42
N LEU B 144 7.69 -18.91 23.84
CA LEU B 144 8.82 -19.85 23.77
C LEU B 144 9.49 -20.03 25.14
N SER B 145 9.29 -19.05 26.03
CA SER B 145 9.73 -19.16 27.43
C SER B 145 8.85 -20.10 28.25
N SER B 146 7.63 -20.32 27.77
CA SER B 146 6.61 -21.02 28.54
C SER B 146 6.29 -22.40 27.97
N ASN B 147 6.83 -22.69 26.79
CA ASN B 147 6.56 -23.97 26.13
C ASN B 147 7.84 -24.53 25.52
N ASP B 148 7.81 -25.81 25.20
CA ASP B 148 9.02 -26.58 25.02
C ASP B 148 9.12 -27.22 23.66
N MET B 149 7.96 -27.57 23.09
CA MET B 149 7.91 -28.42 21.90
C MET B 149 8.54 -27.73 20.70
N ASP B 150 8.73 -28.51 19.64
CA ASP B 150 9.30 -28.00 18.39
C ASP B 150 8.37 -26.96 17.80
N LEU B 151 8.93 -25.83 17.34
CA LEU B 151 8.13 -24.70 16.87
C LEU B 151 8.67 -24.07 15.59
N LEU B 152 7.85 -24.07 14.54
CA LEU B 152 8.21 -23.40 13.30
C LEU B 152 7.49 -22.06 13.19
N ILE B 153 8.26 -21.00 12.90
CA ILE B 153 7.68 -19.68 12.72
C ILE B 153 7.11 -19.57 11.33
N TYR B 154 5.96 -18.91 11.25
CA TYR B 154 5.18 -18.87 10.03
C TYR B 154 5.02 -17.40 9.59
N ASN B 155 5.68 -17.03 8.49
CA ASN B 155 5.59 -15.67 7.96
C ASN B 155 4.56 -15.60 6.83
N ILE B 156 3.46 -14.93 7.12
CA ILE B 156 2.41 -14.76 6.14
C ILE B 156 1.90 -13.33 6.26
N PRO B 157 2.65 -12.37 5.66
CA PRO B 157 2.37 -10.93 5.78
C PRO B 157 1.08 -10.45 5.09
N GLN B 158 0.49 -11.25 4.21
CA GLN B 158 -0.79 -10.92 3.59
C GLN B 158 -1.95 -10.96 4.60
N PHE B 159 -1.86 -11.85 5.57
CA PHE B 159 -2.93 -12.02 6.53
C PHE B 159 -2.56 -11.52 7.91
N THR B 160 -1.29 -11.23 8.17
CA THR B 160 -0.92 -10.73 9.48
C THR B 160 0.33 -9.90 9.43
N ASN B 161 0.67 -9.29 10.58
CA ASN B 161 1.90 -8.53 10.75
C ASN B 161 3.10 -9.35 10.28
N LYS B 162 3.95 -8.76 9.46
CA LYS B 162 5.17 -9.42 9.02
C LYS B 162 6.15 -9.59 10.16
N ILE B 163 6.94 -10.65 10.11
CA ILE B 163 8.05 -10.82 11.05
C ILE B 163 9.34 -10.81 10.23
N ASP B 164 10.21 -9.84 10.53
CA ASP B 164 11.47 -9.68 9.81
C ASP B 164 12.45 -10.85 10.06
N PRO B 165 13.31 -11.14 9.06
CA PRO B 165 14.37 -12.14 9.24
C PRO B 165 15.18 -11.89 10.50
N GLU B 166 15.58 -10.65 10.71
CA GLU B 166 16.36 -10.30 11.89
C GLU B 166 15.67 -10.76 13.16
N THR B 167 14.34 -10.69 13.16
CA THR B 167 13.56 -11.08 14.31
C THR B 167 13.49 -12.61 14.38
N VAL B 168 13.26 -13.25 13.24
CA VAL B 168 13.34 -14.69 13.16
C VAL B 168 14.71 -15.10 13.71
N LYS B 169 15.76 -14.48 13.18
CA LYS B 169 17.14 -14.75 13.58
C LYS B 169 17.33 -14.67 15.08
N ASN B 170 17.06 -13.52 15.68
CA ASN B 170 17.24 -13.36 17.12
C ASN B 170 16.53 -14.43 17.94
N LEU B 171 15.25 -14.67 17.65
CA LEU B 171 14.51 -15.73 18.32
C LEU B 171 15.23 -17.06 18.19
N LYS B 172 15.71 -17.35 16.99
CA LYS B 172 16.42 -18.60 16.74
C LYS B 172 17.58 -18.78 17.72
N SER B 173 18.31 -17.69 17.97
CA SER B 173 19.49 -17.78 18.81
C SER B 173 19.07 -17.90 20.27
N GLU B 174 18.00 -17.21 20.65
CA GLU B 174 17.56 -17.26 22.06
C GLU B 174 16.86 -18.58 22.46
N PHE B 175 16.30 -19.30 21.49
CA PHE B 175 15.42 -20.44 21.79
C PHE B 175 15.66 -21.61 20.86
N SER B 176 16.33 -22.64 21.39
CA SER B 176 16.70 -23.81 20.61
C SER B 176 15.47 -24.55 20.09
N SER B 177 14.31 -24.32 20.70
CA SER B 177 13.10 -25.02 20.26
C SER B 177 12.55 -24.46 18.95
N VAL B 178 13.04 -23.30 18.51
CA VAL B 178 12.67 -22.77 17.20
C VAL B 178 13.38 -23.56 16.11
N LYS B 179 12.62 -24.36 15.36
CA LYS B 179 13.18 -25.38 14.48
C LYS B 179 13.18 -24.97 13.00
N GLY B 180 12.64 -23.81 12.70
CA GLY B 180 12.56 -23.37 11.33
C GLY B 180 11.52 -22.30 11.07
N VAL B 181 11.36 -21.99 9.79
CA VAL B 181 10.50 -20.91 9.34
C VAL B 181 9.79 -21.30 8.07
N LYS B 182 8.56 -20.84 7.93
CA LYS B 182 7.85 -21.04 6.70
C LYS B 182 7.31 -19.69 6.28
N ASP B 183 7.28 -19.49 4.96
CA ASP B 183 7.08 -18.16 4.40
C ASP B 183 6.16 -18.25 3.23
N SER B 184 5.11 -17.45 3.26
CA SER B 184 4.08 -17.44 2.23
C SER B 184 4.03 -16.11 1.46
N SER B 185 4.91 -15.17 1.83
CA SER B 185 4.91 -13.80 1.31
C SER B 185 4.91 -13.67 -0.23
N ALA B 186 5.40 -14.71 -0.91
CA ALA B 186 5.68 -14.68 -2.36
C ALA B 186 6.79 -13.69 -2.73
N ASP B 187 7.49 -13.16 -1.72
CA ASP B 187 8.61 -12.23 -1.94
C ASP B 187 9.92 -13.01 -2.04
N ILE B 188 10.48 -13.12 -3.23
CA ILE B 188 11.63 -13.98 -3.40
C ILE B 188 12.86 -13.43 -2.65
N ARG B 189 13.09 -12.12 -2.74
CA ARG B 189 14.20 -11.49 -2.01
C ARG B 189 14.11 -11.76 -0.53
N GLY B 190 12.90 -11.58 0.01
CA GLY B 190 12.64 -11.78 1.42
C GLY B 190 12.82 -13.23 1.81
N PHE B 191 12.45 -14.14 0.92
CA PHE B 191 12.59 -15.56 1.19
C PHE B 191 14.05 -15.95 1.21
N MET B 192 14.82 -15.34 0.31
CA MET B 192 16.26 -15.60 0.27
C MET B 192 16.90 -15.15 1.59
N GLU B 193 16.40 -14.06 2.16
CA GLU B 193 16.89 -13.60 3.45
C GLU B 193 16.63 -14.63 4.53
N MET B 194 15.45 -15.24 4.50
CA MET B 194 15.09 -16.28 5.45
C MET B 194 15.98 -17.51 5.25
N LEU B 195 16.27 -17.87 3.99
CA LEU B 195 17.13 -19.02 3.70
C LEU B 195 18.54 -18.85 4.25
N SER B 196 19.02 -17.62 4.32
CA SER B 196 20.34 -17.36 4.89
C SER B 196 20.43 -17.83 6.34
N LEU B 197 19.29 -17.93 7.02
CA LEU B 197 19.23 -18.39 8.41
C LEU B 197 19.22 -19.91 8.50
N SER B 198 19.08 -20.58 7.36
CA SER B 198 19.02 -22.03 7.33
C SER B 198 20.26 -22.67 7.96
N ASP B 199 20.04 -23.78 8.67
CA ASP B 199 21.11 -24.70 9.00
C ASP B 199 20.50 -26.06 9.34
N ASP B 200 21.29 -26.95 9.93
CA ASP B 200 20.88 -28.35 10.06
C ASP B 200 19.68 -28.51 11.00
N ASP B 201 19.54 -27.60 11.95
CA ASP B 201 18.38 -27.60 12.83
C ASP B 201 17.58 -26.31 12.69
N PHE B 202 17.54 -25.78 11.47
CA PHE B 202 16.63 -24.66 11.17
C PHE B 202 16.16 -24.77 9.72
N ALA B 203 14.96 -25.32 9.58
CA ALA B 203 14.36 -25.57 8.29
C ALA B 203 13.72 -24.30 7.72
N VAL B 204 13.54 -24.29 6.39
CA VAL B 204 12.93 -23.17 5.69
C VAL B 204 12.02 -23.68 4.59
N PHE B 205 10.73 -23.44 4.75
CA PHE B 205 9.73 -23.94 3.82
C PHE B 205 9.12 -22.84 2.96
N GLN B 206 8.92 -23.14 1.69
CA GLN B 206 8.23 -22.26 0.76
C GLN B 206 6.73 -22.55 0.80
N GLY B 207 5.94 -21.51 1.05
CA GLY B 207 4.51 -21.64 1.28
C GLY B 207 3.66 -21.54 0.02
N GLN B 208 4.26 -21.11 -1.09
CA GLN B 208 3.50 -20.91 -2.32
C GLN B 208 3.83 -21.99 -3.30
N ASP B 209 2.83 -22.83 -3.61
CA ASP B 209 2.99 -24.04 -4.39
C ASP B 209 3.77 -23.82 -5.68
N ASP B 210 3.47 -22.72 -6.35
CA ASP B 210 4.04 -22.42 -7.66
C ASP B 210 5.49 -21.96 -7.57
N LEU B 211 5.92 -21.61 -6.35
CA LEU B 211 7.28 -21.15 -6.12
C LEU B 211 8.19 -22.22 -5.54
N LEU B 212 7.77 -23.48 -5.56
CA LEU B 212 8.52 -24.55 -4.90
C LEU B 212 9.84 -24.82 -5.61
N PHE B 213 9.77 -24.99 -6.93
CA PHE B 213 10.98 -25.26 -7.71
C PHE B 213 12.05 -24.21 -7.46
N THR B 214 11.71 -22.95 -7.71
CA THR B 214 12.63 -21.85 -7.49
C THR B 214 13.19 -21.85 -6.06
N SER B 215 12.38 -22.33 -5.11
CA SER B 215 12.78 -22.27 -3.72
C SER B 215 13.77 -23.40 -3.38
N LEU B 216 13.61 -24.53 -4.06
CA LEU B 216 14.50 -25.67 -3.83
C LEU B 216 15.91 -25.43 -4.41
N GLU B 217 15.99 -24.65 -5.48
CA GLU B 217 17.27 -24.34 -6.09
C GLU B 217 18.08 -23.49 -5.15
N LEU B 218 17.38 -22.67 -4.40
CA LEU B 218 18.02 -21.75 -3.47
C LEU B 218 18.29 -22.43 -2.15
N GLY B 219 17.93 -23.71 -2.03
CA GLY B 219 18.22 -24.51 -0.85
C GLY B 219 17.09 -24.70 0.17
N ALA B 220 15.84 -24.44 -0.23
CA ALA B 220 14.71 -24.53 0.69
C ALA B 220 14.53 -25.96 1.22
N SER B 221 14.19 -26.10 2.50
CA SER B 221 13.99 -27.43 3.09
C SER B 221 12.83 -28.18 2.43
N GLY B 222 11.85 -27.43 1.96
CA GLY B 222 10.69 -28.03 1.33
C GLY B 222 9.59 -26.99 1.16
N GLY B 223 8.35 -27.46 1.09
CA GLY B 223 7.22 -26.59 0.82
C GLY B 223 6.00 -26.99 1.64
N VAL B 224 5.21 -25.97 1.99
CA VAL B 224 3.93 -26.15 2.64
C VAL B 224 2.92 -25.78 1.57
N CYS B 225 2.13 -26.75 1.12
CA CYS B 225 1.42 -26.64 -0.15
C CYS B 225 -0.03 -27.13 -0.12
N GLY B 226 -0.97 -26.22 -0.30
CA GLY B 226 -2.37 -26.50 -0.08
C GLY B 226 -3.00 -27.20 -1.26
N THR B 227 -2.29 -27.25 -2.38
CA THR B 227 -2.79 -28.02 -3.51
C THR B 227 -2.71 -29.50 -3.21
N THR B 228 -1.93 -29.90 -2.20
CA THR B 228 -1.86 -31.30 -1.83
C THR B 228 -3.10 -31.77 -1.07
N ASN B 229 -4.05 -30.89 -0.83
CA ASN B 229 -5.30 -31.34 -0.25
C ASN B 229 -6.04 -32.24 -1.24
N PHE B 230 -5.69 -32.10 -2.52
CA PHE B 230 -6.45 -32.77 -3.58
C PHE B 230 -5.63 -32.99 -4.85
N SER B 231 -4.32 -32.80 -4.77
CA SER B 231 -3.45 -33.06 -5.91
C SER B 231 -2.04 -33.46 -5.51
N ASP B 232 -1.50 -34.46 -6.20
CA ASP B 232 -0.19 -35.01 -5.89
C ASP B 232 0.95 -34.29 -6.64
N GLY B 233 0.61 -33.28 -7.44
CA GLY B 233 1.57 -32.55 -8.25
C GLY B 233 2.81 -32.07 -7.53
N ILE B 234 2.61 -31.44 -6.38
CA ILE B 234 3.71 -30.95 -5.56
C ILE B 234 4.54 -32.09 -5.01
N VAL B 235 3.90 -33.21 -4.67
CA VAL B 235 4.64 -34.37 -4.16
C VAL B 235 5.44 -35.08 -5.26
N ARG B 236 4.87 -35.21 -6.45
CA ARG B 236 5.64 -35.69 -7.60
C ARG B 236 6.83 -34.77 -7.80
N LEU B 237 6.57 -33.47 -7.94
CA LEU B 237 7.61 -32.47 -8.13
C LEU B 237 8.81 -32.69 -7.21
N TYR B 238 8.54 -32.83 -5.92
CA TYR B 238 9.61 -32.82 -4.93
C TYR B 238 10.47 -34.08 -4.97
N HIS B 239 9.91 -35.19 -5.46
CA HIS B 239 10.66 -36.44 -5.51
C HIS B 239 11.42 -36.58 -6.84
N GLU B 240 10.87 -35.98 -7.90
CA GLU B 240 11.55 -35.92 -9.19
C GLU B 240 12.74 -34.95 -9.19
N TYR B 241 12.79 -34.05 -8.21
CA TYR B 241 13.73 -32.94 -8.23
C TYR B 241 15.17 -33.40 -8.02
N LYS B 242 15.42 -34.00 -6.86
CA LYS B 242 16.76 -34.39 -6.45
C LYS B 242 17.55 -35.06 -7.56
N ASN B 243 16.82 -35.79 -8.41
CA ASN B 243 17.41 -36.70 -9.38
C ASN B 243 17.18 -36.30 -10.84
N ASN B 244 16.10 -35.58 -11.12
CA ASN B 244 15.91 -34.98 -12.43
C ASN B 244 15.20 -33.64 -12.35
N ARG B 245 15.98 -32.57 -12.26
CA ARG B 245 15.45 -31.23 -12.07
C ARG B 245 14.47 -30.84 -13.14
N GLU B 246 14.83 -31.11 -14.39
CA GLU B 246 14.05 -30.66 -15.53
C GLU B 246 12.70 -31.41 -15.61
N MET B 247 12.66 -32.65 -15.15
CA MET B 247 11.38 -33.36 -15.06
C MET B 247 10.48 -32.70 -14.03
N ALA B 248 11.10 -32.19 -12.97
CA ALA B 248 10.38 -31.58 -11.87
C ALA B 248 9.85 -30.19 -12.22
N LEU B 249 10.61 -29.44 -13.01
CA LEU B 249 10.20 -28.09 -13.41
C LEU B 249 9.12 -28.16 -14.48
N LYS B 250 9.07 -29.28 -15.21
CA LYS B 250 8.00 -29.48 -16.15
C LYS B 250 6.69 -29.65 -15.38
N ILE B 251 6.77 -30.31 -14.22
CA ILE B 251 5.60 -30.49 -13.36
C ILE B 251 5.14 -29.15 -12.77
N GLU B 252 6.09 -28.31 -12.38
CA GLU B 252 5.75 -27.03 -11.79
C GLU B 252 4.98 -26.22 -12.81
N LYS B 253 5.40 -26.33 -14.07
CA LYS B 253 4.88 -25.51 -15.16
C LYS B 253 3.53 -26.00 -15.71
N ASN B 254 3.36 -27.32 -15.82
CA ASN B 254 2.16 -27.87 -16.46
C ASN B 254 1.08 -28.30 -15.47
N ASP B 255 1.41 -28.36 -14.19
CA ASP B 255 0.51 -28.97 -13.22
C ASP B 255 0.22 -28.08 -12.02
N VAL B 256 1.26 -27.62 -11.36
CA VAL B 256 1.10 -26.82 -10.15
C VAL B 256 0.67 -25.38 -10.46
N ILE B 257 1.41 -24.72 -11.36
CA ILE B 257 1.18 -23.32 -11.68
C ILE B 257 -0.18 -23.07 -12.35
N PRO B 258 -0.57 -23.94 -13.29
CA PRO B 258 -1.90 -23.70 -13.88
C PRO B 258 -3.00 -23.98 -12.86
N LEU B 259 -2.77 -24.95 -11.99
CA LEU B 259 -3.71 -25.23 -10.90
C LEU B 259 -3.80 -24.02 -9.97
N MET B 260 -2.65 -23.41 -9.65
CA MET B 260 -2.62 -22.22 -8.82
C MET B 260 -3.25 -21.01 -9.53
N LYS B 261 -3.14 -20.97 -10.85
CA LYS B 261 -3.77 -19.90 -11.64
C LYS B 261 -5.27 -19.95 -11.44
N LYS B 262 -5.81 -21.15 -11.61
CA LYS B 262 -7.25 -21.37 -11.47
C LYS B 262 -7.74 -21.03 -10.05
N LEU B 263 -7.14 -21.68 -9.04
CA LEU B 263 -7.50 -21.43 -7.65
C LEU B 263 -7.42 -19.93 -7.24
N GLY B 264 -6.51 -19.18 -7.86
CA GLY B 264 -6.32 -17.78 -7.52
C GLY B 264 -7.38 -16.85 -8.08
N LYS B 265 -8.17 -17.36 -9.01
CA LYS B 265 -9.29 -16.61 -9.56
C LYS B 265 -10.29 -16.22 -8.46
N TYR B 266 -10.21 -16.93 -7.33
CA TYR B 266 -11.26 -16.88 -6.31
C TYR B 266 -10.78 -16.42 -4.94
N GLN B 267 -11.73 -15.90 -4.18
CA GLN B 267 -11.57 -15.57 -2.76
C GLN B 267 -10.98 -16.75 -1.97
N PHE B 268 -9.72 -16.63 -1.56
CA PHE B 268 -9.03 -17.65 -0.77
C PHE B 268 -9.79 -17.95 0.55
N PRO B 269 -9.82 -19.22 0.98
CA PRO B 269 -9.32 -20.47 0.39
C PRO B 269 -10.46 -21.31 -0.17
N ASN B 270 -11.57 -20.65 -0.46
CA ASN B 270 -12.81 -21.31 -0.77
C ASN B 270 -12.68 -22.33 -1.89
N ALA B 271 -11.90 -22.02 -2.92
CA ALA B 271 -11.79 -22.89 -4.07
C ALA B 271 -11.09 -24.20 -3.70
N TYR B 272 -10.22 -24.18 -2.70
CA TYR B 272 -9.58 -25.43 -2.23
C TYR B 272 -10.63 -26.35 -1.58
N TYR B 273 -11.64 -25.72 -1.00
CA TYR B 273 -12.70 -26.46 -0.38
C TYR B 273 -13.60 -27.05 -1.45
N GLU B 274 -14.14 -26.20 -2.33
CA GLU B 274 -15.00 -26.70 -3.40
C GLU B 274 -14.29 -27.86 -4.11
N TYR B 275 -12.98 -27.72 -4.32
CA TYR B 275 -12.22 -28.68 -5.12
C TYR B 275 -12.13 -30.03 -4.42
N PHE B 276 -11.86 -29.99 -3.13
CA PHE B 276 -11.84 -31.19 -2.33
C PHE B 276 -13.23 -31.85 -2.31
N TYR B 277 -14.26 -31.03 -2.21
CA TYR B 277 -15.63 -31.52 -2.12
C TYR B 277 -16.05 -32.24 -3.41
N LYS B 278 -15.62 -31.73 -4.55
CA LYS B 278 -16.00 -32.30 -5.84
C LYS B 278 -15.22 -33.58 -6.16
N LYS B 279 -13.93 -33.57 -5.84
CA LYS B 279 -13.07 -34.71 -6.14
C LYS B 279 -13.54 -35.95 -5.39
N ASN B 280 -13.85 -35.77 -4.11
CA ASN B 280 -14.24 -36.87 -3.23
C ASN B 280 -15.75 -37.06 -3.20
N ASN B 281 -16.45 -36.29 -4.04
CA ASN B 281 -17.92 -36.22 -4.03
C ASN B 281 -18.46 -36.14 -2.61
N ILE B 282 -18.16 -35.03 -1.94
CA ILE B 282 -18.61 -34.78 -0.59
C ILE B 282 -19.52 -33.56 -0.56
N ASN B 283 -20.66 -33.71 0.08
CA ASN B 283 -21.61 -32.62 0.23
C ASN B 283 -21.12 -31.65 1.31
N GLY B 284 -20.05 -30.94 0.99
CA GLY B 284 -19.37 -30.12 1.97
C GLY B 284 -19.88 -28.69 1.99
N GLY B 285 -19.64 -28.00 3.08
CA GLY B 285 -20.16 -26.64 3.26
C GLY B 285 -19.14 -25.54 3.48
N TYR B 286 -19.65 -24.41 3.95
CA TYR B 286 -18.86 -23.19 4.08
C TYR B 286 -19.29 -22.39 5.32
N ARG B 287 -18.35 -22.17 6.26
CA ARG B 287 -18.68 -21.37 7.44
C ARG B 287 -18.41 -19.93 7.07
N PRO B 288 -19.45 -19.07 7.12
CA PRO B 288 -19.17 -17.69 6.74
C PRO B 288 -18.06 -17.13 7.63
N PRO B 289 -17.21 -16.23 7.07
CA PRO B 289 -17.33 -15.56 5.76
C PRO B 289 -16.89 -16.40 4.54
N MET B 290 -16.55 -17.68 4.71
CA MET B 290 -16.37 -18.55 3.54
C MET B 290 -17.66 -18.54 2.72
N TYR B 291 -17.56 -18.78 1.42
CA TYR B 291 -18.75 -19.06 0.63
C TYR B 291 -18.39 -19.80 -0.65
N ARG B 292 -19.32 -20.61 -1.16
CA ARG B 292 -19.15 -21.32 -2.42
C ARG B 292 -18.96 -20.32 -3.55
N VAL B 293 -17.95 -20.54 -4.38
CA VAL B 293 -17.55 -19.56 -5.38
C VAL B 293 -17.85 -20.01 -6.81
N GLY B 294 -18.18 -21.29 -6.99
CA GLY B 294 -18.52 -21.81 -8.30
C GLY B 294 -17.30 -21.98 -9.18
N ILE B 295 -16.57 -23.08 -8.97
CA ILE B 295 -15.32 -23.38 -9.67
C ILE B 295 -15.43 -24.72 -10.37
N GLU B 296 -14.91 -24.77 -11.60
CA GLU B 296 -15.02 -25.93 -12.47
C GLU B 296 -13.74 -26.76 -12.53
N ILE B 297 -13.76 -27.82 -13.34
CA ILE B 297 -12.57 -28.60 -13.66
C ILE B 297 -12.53 -28.84 -15.17
N MET C 24 17.86 -12.59 -31.25
CA MET C 24 18.38 -11.22 -31.53
C MET C 24 18.79 -10.45 -30.25
N TYR C 25 18.02 -10.57 -29.16
CA TYR C 25 18.33 -9.85 -27.90
C TYR C 25 18.52 -10.77 -26.70
N LYS C 26 19.73 -10.76 -26.14
CA LYS C 26 20.12 -11.71 -25.10
C LYS C 26 21.41 -11.29 -24.40
N GLY C 27 21.55 -11.70 -23.14
CA GLY C 27 22.77 -11.44 -22.37
C GLY C 27 22.62 -10.36 -21.31
N ILE C 28 23.72 -9.63 -21.09
CA ILE C 28 23.80 -8.64 -20.03
C ILE C 28 23.74 -7.21 -20.52
N VAL C 29 22.81 -6.43 -19.96
CA VAL C 29 22.66 -5.00 -20.28
C VAL C 29 23.10 -4.14 -19.10
N CYS C 30 23.89 -3.10 -19.35
CA CYS C 30 24.23 -2.16 -18.28
C CYS C 30 23.33 -0.93 -18.29
N PRO C 31 22.47 -0.81 -17.26
CA PRO C 31 21.75 0.45 -17.27
C PRO C 31 22.73 1.48 -16.79
N MET C 32 23.28 2.23 -17.73
CA MET C 32 24.32 3.18 -17.39
C MET C 32 23.84 4.27 -16.43
N ILE C 33 24.67 4.43 -15.41
CA ILE C 33 24.75 5.67 -14.66
C ILE C 33 25.01 6.80 -15.64
N THR C 34 24.60 8.00 -15.29
CA THR C 34 24.92 9.19 -16.07
C THR C 34 25.87 10.06 -15.26
N PRO C 35 27.20 9.84 -15.39
CA PRO C 35 28.20 10.55 -14.57
C PRO C 35 28.03 12.06 -14.57
N LEU C 36 28.13 12.68 -13.40
CA LEU C 36 28.00 14.13 -13.28
C LEU C 36 29.26 14.75 -12.70
N ASP C 37 29.55 15.98 -13.14
CA ASP C 37 30.61 16.76 -12.52
C ASP C 37 30.10 17.27 -11.17
N ALA C 38 30.94 18.01 -10.45
CA ALA C 38 30.55 18.49 -9.12
C ALA C 38 29.43 19.54 -9.17
N HIS C 39 29.21 20.15 -10.33
CA HIS C 39 28.07 21.06 -10.48
C HIS C 39 26.78 20.28 -10.77
N GLY C 40 26.90 18.96 -10.90
CA GLY C 40 25.75 18.13 -11.21
C GLY C 40 25.30 18.19 -12.66
N ASN C 41 26.25 18.38 -13.56
CA ASN C 41 25.99 18.36 -15.00
C ASN C 41 26.86 17.28 -15.62
N ILE C 42 26.57 16.88 -16.86
CA ILE C 42 27.11 15.61 -17.35
C ILE C 42 28.64 15.61 -17.55
N ASP C 43 29.27 14.56 -17.04
CA ASP C 43 30.71 14.39 -17.10
C ASP C 43 31.04 13.45 -18.26
N TYR C 44 31.33 14.05 -19.41
CA TYR C 44 31.54 13.27 -20.63
C TYR C 44 32.86 12.51 -20.61
N ASN C 45 33.76 12.91 -19.73
CA ASN C 45 35.00 12.15 -19.49
C ASN C 45 34.78 10.92 -18.61
N ALA C 46 34.00 11.08 -17.55
CA ALA C 46 33.68 9.92 -16.74
C ALA C 46 32.85 8.95 -17.57
N THR C 47 32.01 9.49 -18.45
CA THR C 47 31.20 8.65 -19.32
C THR C 47 32.14 7.79 -20.14
N ASN C 48 33.23 8.40 -20.63
CA ASN C 48 34.21 7.62 -21.34
C ASN C 48 34.82 6.56 -20.43
N ILE C 49 35.25 6.98 -19.24
CA ILE C 49 35.84 6.05 -18.31
C ILE C 49 34.91 4.89 -18.15
N LEU C 50 33.62 5.21 -17.99
CA LEU C 50 32.57 4.21 -17.80
C LEU C 50 32.39 3.30 -19.01
N ILE C 51 32.37 3.85 -20.22
CA ILE C 51 32.23 3.03 -21.42
C ILE C 51 33.36 1.99 -21.57
N LYS C 52 34.59 2.41 -21.32
CA LYS C 52 35.71 1.50 -21.56
C LYS C 52 35.73 0.46 -20.46
N TYR C 53 35.23 0.83 -19.27
CA TYR C 53 35.04 -0.14 -18.21
C TYR C 53 34.05 -1.23 -18.60
N LEU C 54 32.92 -0.84 -19.21
CA LEU C 54 31.87 -1.78 -19.61
C LEU C 54 32.27 -2.64 -20.83
N GLU C 55 33.05 -2.06 -21.75
CA GLU C 55 33.67 -2.85 -22.81
C GLU C 55 34.70 -3.82 -22.22
N GLY C 56 35.38 -3.38 -21.17
CA GLY C 56 36.38 -4.20 -20.50
C GLY C 56 35.80 -5.48 -19.94
N ILE C 57 34.71 -5.37 -19.17
CA ILE C 57 34.14 -6.55 -18.50
C ILE C 57 33.20 -7.31 -19.43
N ASN C 58 32.91 -6.70 -20.57
CA ASN C 58 32.14 -7.34 -21.65
C ASN C 58 30.64 -7.51 -21.39
N VAL C 59 29.98 -6.44 -20.95
CA VAL C 59 28.53 -6.40 -20.99
C VAL C 59 28.14 -6.42 -22.47
N ASP C 60 26.97 -6.96 -22.78
CA ASP C 60 26.56 -7.09 -24.18
C ASP C 60 25.88 -5.85 -24.79
N TYR C 61 25.18 -5.06 -23.99
CA TYR C 61 24.49 -3.87 -24.48
C TYR C 61 24.69 -2.71 -23.54
N LEU C 62 24.70 -1.49 -24.09
CA LEU C 62 24.75 -0.26 -23.33
C LEU C 62 23.37 0.36 -23.29
N PHE C 63 22.94 0.73 -22.09
CA PHE C 63 21.61 1.25 -21.85
C PHE C 63 21.68 2.59 -21.13
N PRO C 64 21.98 3.66 -21.87
CA PRO C 64 21.95 5.01 -21.28
C PRO C 64 20.52 5.53 -21.09
N MET C 65 20.36 6.39 -20.08
CA MET C 65 19.10 7.06 -19.75
C MET C 65 17.96 6.13 -19.33
N GLY C 66 18.31 5.10 -18.55
CA GLY C 66 17.33 4.31 -17.82
C GLY C 66 17.15 4.91 -16.44
N SER C 67 16.51 4.16 -15.53
CA SER C 67 16.28 4.63 -14.16
C SER C 67 17.60 4.87 -13.43
N THR C 68 18.58 4.00 -13.66
CA THR C 68 19.88 4.16 -13.04
C THR C 68 20.59 5.40 -13.56
N GLY C 69 20.32 5.76 -14.82
CA GLY C 69 20.86 6.99 -15.39
C GLY C 69 20.08 8.23 -14.96
N VAL C 70 19.15 8.03 -14.04
CA VAL C 70 18.20 9.05 -13.62
C VAL C 70 17.69 9.97 -14.74
N PHE C 71 17.15 9.38 -15.80
CA PHE C 71 16.76 10.15 -16.99
C PHE C 71 15.81 11.32 -16.74
N PRO C 72 14.88 11.21 -15.76
CA PRO C 72 13.94 12.35 -15.66
C PRO C 72 14.54 13.64 -15.09
N TYR C 73 15.77 13.57 -14.59
CA TYR C 73 16.40 14.75 -14.00
C TYR C 73 17.05 15.63 -15.06
N PHE C 74 17.15 15.08 -16.26
CA PHE C 74 17.72 15.81 -17.38
C PHE C 74 16.67 16.43 -18.30
N THR C 75 17.08 17.45 -19.04
CA THR C 75 16.23 18.01 -20.08
C THR C 75 16.33 17.17 -21.35
N LEU C 76 15.39 17.39 -22.27
CA LEU C 76 15.37 16.65 -23.52
C LEU C 76 16.67 16.87 -24.29
N LYS C 77 17.19 18.09 -24.19
CA LYS C 77 18.44 18.45 -24.84
C LYS C 77 19.58 17.63 -24.27
N GLU C 78 19.77 17.75 -22.96
CA GLU C 78 20.82 16.99 -22.27
C GLU C 78 20.72 15.51 -22.60
N ARG C 79 19.50 14.98 -22.57
CA ARG C 79 19.33 13.56 -22.82
C ARG C 79 19.66 13.25 -24.28
N LYS C 80 19.31 14.16 -25.20
CA LYS C 80 19.72 13.96 -26.60
C LYS C 80 21.23 13.99 -26.76
N ASP C 81 21.92 14.90 -26.06
CA ASP C 81 23.40 14.98 -26.17
C ASP C 81 24.06 13.73 -25.62
N PHE C 82 23.53 13.20 -24.53
CA PHE C 82 24.16 12.07 -23.87
C PHE C 82 24.02 10.81 -24.72
N LEU C 83 22.82 10.61 -25.28
CA LEU C 83 22.59 9.58 -26.29
C LEU C 83 23.52 9.72 -27.51
N LYS C 84 23.71 10.95 -27.99
CA LYS C 84 24.62 11.18 -29.11
C LYS C 84 26.04 10.77 -28.72
N PHE C 85 26.44 11.16 -27.52
CA PHE C 85 27.80 10.93 -27.10
C PHE C 85 28.07 9.43 -26.92
N VAL C 86 27.17 8.70 -26.25
CA VAL C 86 27.38 7.26 -26.04
C VAL C 86 27.45 6.57 -27.40
N ARG C 87 26.59 6.99 -28.33
CA ARG C 87 26.65 6.44 -29.68
C ARG C 87 28.04 6.62 -30.31
N GLU C 88 28.53 7.84 -30.33
CA GLU C 88 29.79 8.15 -31.00
C GLU C 88 30.97 7.45 -30.35
N ASN C 89 30.88 7.16 -29.06
CA ASN C 89 32.02 6.69 -28.32
C ASN C 89 32.02 5.19 -28.01
N SER C 90 31.12 4.45 -28.66
CA SER C 90 31.11 3.00 -28.49
C SER C 90 30.52 2.26 -29.69
N LYS C 91 30.95 1.00 -29.83
CA LYS C 91 30.56 0.11 -30.91
C LYS C 91 29.63 -1.00 -30.43
N LYS C 92 29.62 -1.26 -29.13
CA LYS C 92 28.68 -2.25 -28.61
C LYS C 92 27.28 -1.72 -28.87
N PRO C 93 26.31 -2.62 -29.06
CA PRO C 93 24.96 -2.16 -29.38
C PRO C 93 24.35 -1.34 -28.22
N ILE C 94 23.49 -0.38 -28.57
CA ILE C 94 22.87 0.49 -27.57
C ILE C 94 21.36 0.31 -27.50
N MET C 95 20.86 0.22 -26.26
CA MET C 95 19.45 0.43 -25.97
C MET C 95 19.28 1.80 -25.38
N ALA C 96 18.57 2.68 -26.08
CA ALA C 96 18.35 4.02 -25.57
C ALA C 96 17.09 4.04 -24.70
N GLY C 97 17.16 4.68 -23.53
CA GLY C 97 16.00 4.91 -22.71
C GLY C 97 15.31 6.12 -23.25
N VAL C 98 14.10 5.95 -23.78
CA VAL C 98 13.33 7.06 -24.35
C VAL C 98 12.10 7.37 -23.51
N GLY C 99 12.21 7.18 -22.20
CA GLY C 99 11.08 7.36 -21.30
C GLY C 99 10.73 8.80 -21.04
N SER C 100 9.44 9.05 -20.89
CA SER C 100 8.90 10.40 -20.67
C SER C 100 7.39 10.31 -20.72
N SER C 101 6.71 11.06 -19.87
CA SER C 101 5.25 10.98 -19.84
C SER C 101 4.66 11.75 -21.01
N SER C 102 5.50 12.52 -21.67
CA SER C 102 5.11 13.24 -22.89
C SER C 102 5.44 12.41 -24.13
N ILE C 103 4.38 12.07 -24.86
CA ILE C 103 4.50 11.31 -26.10
C ILE C 103 5.37 12.03 -27.15
N ASN C 104 5.20 13.35 -27.32
CA ASN C 104 6.08 14.15 -28.21
C ASN C 104 7.56 13.95 -27.90
N GLU C 105 7.90 13.85 -26.62
CA GLU C 105 9.30 13.62 -26.22
C GLU C 105 9.76 12.23 -26.56
N VAL C 106 8.88 11.24 -26.45
CA VAL C 106 9.30 9.85 -26.72
C VAL C 106 9.60 9.74 -28.22
N ASN C 107 8.66 10.15 -29.05
CA ASN C 107 8.84 10.10 -30.50
C ASN C 107 10.12 10.80 -30.98
N GLU C 108 10.39 12.01 -30.46
CA GLU C 108 11.61 12.73 -30.81
C GLU C 108 12.87 11.99 -30.35
N LEU C 109 12.79 11.28 -29.22
CA LEU C 109 13.96 10.57 -28.70
C LEU C 109 14.20 9.27 -29.45
N MET C 110 13.13 8.64 -29.94
CA MET C 110 13.31 7.44 -30.73
C MET C 110 13.78 7.77 -32.17
N LYS C 111 13.26 8.84 -32.74
CA LYS C 111 13.67 9.30 -34.08
C LYS C 111 15.17 9.64 -34.09
N PHE C 112 15.57 10.49 -33.16
CA PHE C 112 16.97 10.81 -32.93
C PHE C 112 17.81 9.56 -32.78
N SER C 113 17.31 8.62 -31.99
CA SER C 113 18.05 7.40 -31.71
C SER C 113 18.20 6.56 -32.97
N MET C 114 17.14 6.42 -33.75
CA MET C 114 17.24 5.70 -35.00
C MET C 114 18.27 6.36 -35.90
N ASP C 115 18.01 7.63 -36.20
CA ASP C 115 18.79 8.39 -37.18
C ASP C 115 20.28 8.39 -36.87
N ILE C 116 20.67 8.28 -35.58
CA ILE C 116 22.09 8.22 -35.24
C ILE C 116 22.59 6.78 -35.07
N GLY C 117 21.74 5.81 -35.41
CA GLY C 117 22.14 4.42 -35.41
C GLY C 117 22.18 3.75 -34.05
N ILE C 118 21.22 4.09 -33.18
CA ILE C 118 20.99 3.31 -31.96
C ILE C 118 20.04 2.17 -32.31
N GLU C 119 20.45 0.95 -31.96
CA GLU C 119 19.73 -0.26 -32.31
C GLU C 119 18.31 -0.37 -31.73
N ALA C 120 18.13 0.12 -30.50
CA ALA C 120 16.91 -0.19 -29.76
C ALA C 120 16.47 0.92 -28.82
N ALA C 121 15.15 1.04 -28.68
CA ALA C 121 14.55 1.97 -27.74
C ALA C 121 13.97 1.19 -26.55
N VAL C 122 14.18 1.71 -25.34
CA VAL C 122 13.55 1.18 -24.13
C VAL C 122 12.48 2.12 -23.63
N LEU C 123 11.33 1.59 -23.28
CA LEU C 123 10.19 2.44 -22.94
C LEU C 123 9.36 1.85 -21.81
N MET C 124 9.22 2.64 -20.74
CA MET C 124 8.38 2.25 -19.63
C MET C 124 7.10 3.06 -19.73
N PRO C 125 6.05 2.63 -19.01
CA PRO C 125 4.78 3.36 -19.05
C PRO C 125 4.90 4.78 -18.54
N PRO C 126 3.94 5.65 -18.86
CA PRO C 126 3.91 7.05 -18.37
C PRO C 126 3.68 7.14 -16.87
N TYR C 127 4.17 8.20 -16.25
CA TYR C 127 4.19 8.30 -14.81
C TYR C 127 3.57 9.61 -14.34
N TYR C 128 3.69 9.84 -13.03
CA TYR C 128 3.06 10.95 -12.33
C TYR C 128 1.57 10.61 -12.13
N ILE C 129 0.73 10.84 -13.12
CA ILE C 129 -0.69 10.55 -13.02
C ILE C 129 -0.91 9.05 -13.06
N LYS C 130 -1.82 8.54 -12.22
CA LYS C 130 -2.05 7.10 -12.18
C LYS C 130 -2.90 6.67 -13.39
N LEU C 131 -2.41 5.67 -14.14
CA LEU C 131 -3.07 5.20 -15.35
C LEU C 131 -3.54 3.74 -15.28
N ASN C 132 -4.76 3.48 -15.77
CA ASN C 132 -5.24 2.10 -15.98
C ASN C 132 -4.54 1.45 -17.19
N GLN C 133 -4.97 0.26 -17.61
CA GLN C 133 -4.27 -0.46 -18.69
C GLN C 133 -4.68 0.01 -20.08
N GLU C 134 -5.87 0.60 -20.19
CA GLU C 134 -6.29 1.12 -21.48
C GLU C 134 -5.53 2.40 -21.81
N ALA C 135 -5.31 3.26 -20.81
CA ALA C 135 -4.55 4.47 -21.06
C ALA C 135 -3.10 4.15 -21.44
N ILE C 136 -2.50 3.24 -20.68
CA ILE C 136 -1.14 2.83 -20.96
C ILE C 136 -1.02 2.19 -22.34
N TYR C 137 -2.04 1.43 -22.74
CA TYR C 137 -2.03 0.78 -24.04
C TYR C 137 -2.18 1.81 -25.15
N HIS C 138 -3.08 2.77 -24.96
CA HIS C 138 -3.34 3.80 -25.96
C HIS C 138 -2.06 4.58 -26.20
N TYR C 139 -1.26 4.69 -25.15
CA TYR C 139 0.03 5.37 -25.24
C TYR C 139 1.09 4.56 -26.00
N TYR C 140 1.30 3.29 -25.66
CA TYR C 140 2.29 2.47 -26.39
C TYR C 140 1.92 2.32 -27.87
N LYS C 141 0.62 2.24 -28.13
CA LYS C 141 0.06 2.05 -29.46
C LYS C 141 0.27 3.28 -30.35
N GLU C 142 0.05 4.48 -29.82
CA GLU C 142 0.21 5.67 -30.62
C GLU C 142 1.68 5.91 -30.93
N ILE C 143 2.54 5.47 -30.02
CA ILE C 143 3.96 5.60 -30.17
C ILE C 143 4.51 4.56 -31.15
N LEU C 144 4.13 3.31 -30.97
CA LEU C 144 4.57 2.24 -31.86
C LEU C 144 4.00 2.37 -33.28
N SER C 145 2.87 3.06 -33.41
CA SER C 145 2.24 3.28 -34.71
C SER C 145 3.04 4.22 -35.59
N SER C 146 3.91 5.01 -34.98
CA SER C 146 4.70 6.01 -35.68
C SER C 146 6.21 5.78 -35.53
N ASN C 147 6.61 4.53 -35.34
CA ASN C 147 8.00 4.19 -35.10
C ASN C 147 8.30 2.76 -35.48
N ASP C 148 9.53 2.53 -35.90
CA ASP C 148 9.89 1.26 -36.51
C ASP C 148 10.89 0.49 -35.66
N MET C 149 11.77 1.22 -34.99
CA MET C 149 12.95 0.63 -34.39
C MET C 149 12.60 -0.39 -33.33
N ASP C 150 13.54 -1.29 -33.10
CA ASP C 150 13.39 -2.27 -32.04
C ASP C 150 13.11 -1.57 -30.72
N LEU C 151 12.04 -1.99 -30.07
CA LEU C 151 11.62 -1.39 -28.82
C LEU C 151 11.50 -2.46 -27.74
N LEU C 152 11.97 -2.16 -26.54
CA LEU C 152 11.74 -3.02 -25.38
C LEU C 152 10.83 -2.32 -24.39
N ILE C 153 9.78 -3.03 -24.00
CA ILE C 153 8.91 -2.57 -22.93
C ILE C 153 9.61 -2.72 -21.58
N TYR C 154 9.36 -1.76 -20.71
CA TYR C 154 10.03 -1.72 -19.43
C TYR C 154 9.04 -1.61 -18.27
N ASN C 155 8.83 -2.70 -17.55
CA ASN C 155 7.96 -2.69 -16.38
C ASN C 155 8.81 -2.41 -15.16
N ILE C 156 8.60 -1.24 -14.56
CA ILE C 156 9.25 -0.86 -13.31
C ILE C 156 8.21 -0.22 -12.37
N PRO C 157 7.33 -1.05 -11.80
CA PRO C 157 6.14 -0.56 -11.10
C PRO C 157 6.46 0.23 -9.81
N GLN C 158 7.67 0.13 -9.27
CA GLN C 158 8.09 0.98 -8.17
C GLN C 158 8.15 2.46 -8.53
N PHE C 159 8.52 2.79 -9.78
CA PHE C 159 8.73 4.18 -10.18
C PHE C 159 7.64 4.69 -11.12
N THR C 160 6.89 3.78 -11.74
CA THR C 160 5.87 4.22 -12.66
C THR C 160 4.67 3.28 -12.63
N ASN C 161 3.60 3.61 -13.34
CA ASN C 161 2.47 2.71 -13.55
C ASN C 161 2.93 1.35 -14.10
N LYS C 162 2.40 0.28 -13.50
CA LYS C 162 2.65 -1.08 -13.97
C LYS C 162 2.00 -1.29 -15.31
N ILE C 163 2.59 -2.17 -16.11
CA ILE C 163 1.96 -2.65 -17.34
C ILE C 163 1.73 -4.16 -17.17
N ASP C 164 0.48 -4.60 -17.32
CA ASP C 164 0.16 -6.00 -17.08
C ASP C 164 0.73 -6.87 -18.19
N PRO C 165 1.12 -8.11 -17.86
CA PRO C 165 1.60 -9.03 -18.90
C PRO C 165 0.67 -9.13 -20.11
N GLU C 166 -0.64 -9.21 -19.86
CA GLU C 166 -1.63 -9.26 -20.94
C GLU C 166 -1.51 -8.04 -21.89
N THR C 167 -1.41 -6.84 -21.33
CA THR C 167 -1.15 -5.63 -22.11
C THR C 167 0.12 -5.80 -22.94
N VAL C 168 1.15 -6.37 -22.33
CA VAL C 168 2.40 -6.63 -23.03
C VAL C 168 2.14 -7.59 -24.18
N LYS C 169 1.36 -8.61 -23.89
CA LYS C 169 1.02 -9.60 -24.89
C LYS C 169 0.26 -8.95 -26.05
N ASN C 170 -0.74 -8.14 -25.73
CA ASN C 170 -1.58 -7.54 -26.75
C ASN C 170 -0.77 -6.61 -27.65
N LEU C 171 0.15 -5.86 -27.05
CA LEU C 171 1.02 -4.98 -27.82
C LEU C 171 1.91 -5.82 -28.72
N LYS C 172 2.47 -6.89 -28.17
CA LYS C 172 3.36 -7.79 -28.89
C LYS C 172 2.75 -8.32 -30.20
N SER C 173 1.50 -8.77 -30.15
CA SER C 173 0.82 -9.29 -31.33
C SER C 173 0.61 -8.18 -32.37
N GLU C 174 0.38 -6.95 -31.89
CA GLU C 174 0.02 -5.85 -32.79
C GLU C 174 1.24 -5.15 -33.41
N PHE C 175 2.42 -5.39 -32.87
CA PHE C 175 3.61 -4.65 -33.29
C PHE C 175 4.86 -5.51 -33.25
N SER C 176 5.34 -5.87 -34.42
CA SER C 176 6.51 -6.74 -34.52
C SER C 176 7.77 -6.04 -34.05
N SER C 177 7.75 -4.71 -33.94
CA SER C 177 8.95 -3.98 -33.51
C SER C 177 9.16 -4.00 -31.98
N VAL C 178 8.20 -4.56 -31.24
CA VAL C 178 8.42 -4.90 -29.83
C VAL C 178 9.27 -6.16 -29.74
N LYS C 179 10.48 -6.01 -29.22
CA LYS C 179 11.48 -7.08 -29.33
C LYS C 179 11.68 -7.82 -28.02
N GLY C 180 10.94 -7.42 -26.99
CA GLY C 180 11.03 -8.07 -25.70
C GLY C 180 10.52 -7.16 -24.59
N VAL C 181 10.80 -7.57 -23.36
CA VAL C 181 10.33 -6.86 -22.16
C VAL C 181 11.31 -6.99 -20.99
N LYS C 182 11.50 -5.91 -20.24
CA LYS C 182 12.37 -5.90 -19.05
C LYS C 182 11.56 -5.69 -17.80
N ASP C 183 11.86 -6.44 -16.75
CA ASP C 183 11.10 -6.30 -15.50
C ASP C 183 12.00 -6.07 -14.30
N SER C 184 11.74 -4.96 -13.60
CA SER C 184 12.47 -4.60 -12.39
C SER C 184 11.55 -4.68 -11.17
N SER C 185 10.48 -5.47 -11.26
CA SER C 185 9.45 -5.47 -10.23
C SER C 185 9.87 -6.26 -9.00
N ALA C 186 10.76 -7.25 -9.20
CA ALA C 186 11.23 -8.17 -8.15
C ALA C 186 10.10 -9.09 -7.68
N ASP C 187 8.98 -9.06 -8.39
CA ASP C 187 7.88 -9.94 -8.15
C ASP C 187 8.05 -11.18 -9.01
N ILE C 188 8.44 -12.27 -8.37
CA ILE C 188 8.80 -13.48 -9.09
C ILE C 188 7.63 -14.06 -9.88
N ARG C 189 6.44 -14.02 -9.30
CA ARG C 189 5.26 -14.58 -9.95
C ARG C 189 4.96 -13.79 -11.21
N GLY C 190 5.06 -12.46 -11.08
CA GLY C 190 4.85 -11.56 -12.20
C GLY C 190 5.87 -11.81 -13.29
N PHE C 191 7.11 -11.97 -12.88
CA PHE C 191 8.18 -12.22 -13.83
C PHE C 191 7.89 -13.47 -14.64
N MET C 192 7.39 -14.51 -13.97
CA MET C 192 7.12 -15.77 -14.65
C MET C 192 6.00 -15.61 -15.64
N GLU C 193 5.14 -14.64 -15.39
CA GLU C 193 4.06 -14.33 -16.31
C GLU C 193 4.59 -13.67 -17.57
N MET C 194 5.53 -12.75 -17.38
CA MET C 194 6.20 -12.10 -18.50
C MET C 194 6.95 -13.15 -19.31
N LEU C 195 7.54 -14.13 -18.63
CA LEU C 195 8.31 -15.19 -19.30
C LEU C 195 7.48 -16.02 -20.25
N SER C 196 6.20 -16.18 -19.93
CA SER C 196 5.30 -16.96 -20.79
C SER C 196 5.23 -16.37 -22.18
N LEU C 197 5.64 -15.11 -22.31
CA LEU C 197 5.58 -14.41 -23.58
C LEU C 197 6.83 -14.65 -24.39
N SER C 198 7.83 -15.25 -23.77
CA SER C 198 9.10 -15.52 -24.42
C SER C 198 8.97 -16.40 -25.66
N ASP C 199 9.60 -15.94 -26.74
CA ASP C 199 9.89 -16.77 -27.90
C ASP C 199 11.12 -16.22 -28.65
N ASP C 200 11.41 -16.76 -29.81
CA ASP C 200 12.62 -16.39 -30.56
C ASP C 200 12.75 -14.90 -30.82
N ASP C 201 11.61 -14.22 -30.97
CA ASP C 201 11.61 -12.81 -31.31
C ASP C 201 11.08 -11.98 -30.16
N PHE C 202 11.29 -12.46 -28.95
CA PHE C 202 10.80 -11.78 -27.77
C PHE C 202 11.59 -12.18 -26.54
N ALA C 203 12.52 -11.30 -26.15
CA ALA C 203 13.37 -11.52 -25.00
C ALA C 203 12.71 -11.05 -23.68
N VAL C 204 13.14 -11.63 -22.57
CA VAL C 204 12.60 -11.29 -21.25
C VAL C 204 13.74 -11.10 -20.27
N PHE C 205 13.97 -9.86 -19.84
CA PHE C 205 15.13 -9.50 -19.04
C PHE C 205 14.79 -9.26 -17.56
N GLN C 206 15.64 -9.74 -16.64
CA GLN C 206 15.50 -9.48 -15.20
C GLN C 206 16.26 -8.22 -14.77
N GLY C 207 15.58 -7.28 -14.14
CA GLY C 207 16.14 -5.97 -13.85
C GLY C 207 16.68 -5.81 -12.45
N GLN C 208 16.63 -6.90 -11.68
CA GLN C 208 17.21 -6.95 -10.33
C GLN C 208 18.36 -7.92 -10.30
N ASP C 209 19.56 -7.39 -10.07
CA ASP C 209 20.81 -8.16 -10.20
C ASP C 209 20.81 -9.41 -9.32
N ASP C 210 20.24 -9.29 -8.12
CA ASP C 210 20.25 -10.40 -7.19
C ASP C 210 19.34 -11.57 -7.61
N LEU C 211 18.44 -11.33 -8.55
CA LEU C 211 17.51 -12.36 -8.99
C LEU C 211 17.91 -12.99 -10.32
N LEU C 212 19.00 -12.51 -10.92
CA LEU C 212 19.42 -12.96 -12.24
C LEU C 212 19.51 -14.48 -12.28
N PHE C 213 20.12 -15.08 -11.25
CA PHE C 213 20.29 -16.52 -11.26
C PHE C 213 18.94 -17.22 -11.31
N THR C 214 18.05 -16.89 -10.38
CA THR C 214 16.76 -17.54 -10.32
C THR C 214 16.05 -17.39 -11.65
N SER C 215 16.27 -16.24 -12.32
CA SER C 215 15.60 -15.93 -13.59
C SER C 215 16.15 -16.70 -14.79
N LEU C 216 17.46 -16.97 -14.78
CA LEU C 216 18.05 -17.72 -15.90
C LEU C 216 17.49 -19.13 -15.88
N GLU C 217 17.25 -19.65 -14.68
CA GLU C 217 16.72 -21.00 -14.51
C GLU C 217 15.30 -21.12 -15.00
N LEU C 218 14.58 -20.01 -15.06
CA LEU C 218 13.20 -20.00 -15.54
C LEU C 218 13.05 -19.61 -17.02
N GLY C 219 14.15 -19.27 -17.68
CA GLY C 219 14.14 -19.03 -19.12
C GLY C 219 14.35 -17.58 -19.54
N ALA C 220 14.97 -16.79 -18.66
CA ALA C 220 15.26 -15.38 -18.93
C ALA C 220 16.29 -15.24 -20.04
N SER C 221 16.10 -14.25 -20.91
CA SER C 221 17.10 -13.91 -21.93
C SER C 221 18.31 -13.29 -21.30
N GLY C 222 18.14 -12.68 -20.12
CA GLY C 222 19.26 -12.16 -19.37
C GLY C 222 18.88 -11.13 -18.33
N GLY C 223 19.83 -10.24 -18.02
CA GLY C 223 19.60 -9.22 -17.00
C GLY C 223 19.97 -7.81 -17.45
N VAL C 224 19.28 -6.84 -16.88
CA VAL C 224 19.68 -5.44 -16.97
C VAL C 224 20.08 -5.08 -15.56
N CYS C 225 21.39 -5.09 -15.30
CA CYS C 225 21.89 -5.10 -13.94
C CYS C 225 22.81 -3.94 -13.62
N GLY C 226 22.30 -2.99 -12.86
CA GLY C 226 23.01 -1.76 -12.55
C GLY C 226 24.37 -1.94 -11.91
N THR C 227 24.59 -3.04 -11.18
CA THR C 227 25.89 -3.24 -10.54
C THR C 227 27.03 -3.29 -11.55
N THR C 228 26.73 -3.60 -12.82
CA THR C 228 27.79 -3.73 -13.81
C THR C 228 28.47 -2.40 -14.12
N ASN C 229 27.98 -1.30 -13.54
CA ASN C 229 28.63 0.01 -13.66
C ASN C 229 29.94 0.16 -12.89
N PHE C 230 30.28 -0.84 -12.08
CA PHE C 230 31.51 -0.81 -11.27
C PHE C 230 31.87 -2.20 -10.71
N SER C 231 31.23 -3.24 -11.24
CA SER C 231 31.49 -4.62 -10.83
C SER C 231 31.18 -5.56 -11.99
N ASP C 232 31.81 -6.74 -11.99
CA ASP C 232 31.68 -7.69 -13.09
C ASP C 232 31.10 -9.02 -12.63
N GLY C 233 30.65 -9.05 -11.39
CA GLY C 233 29.97 -10.22 -10.86
C GLY C 233 28.88 -10.71 -11.80
N ILE C 234 27.99 -9.82 -12.23
CA ILE C 234 26.83 -10.24 -13.02
C ILE C 234 27.26 -10.87 -14.34
N VAL C 235 28.33 -10.37 -14.98
CA VAL C 235 28.80 -11.01 -16.21
C VAL C 235 29.42 -12.38 -15.91
N ARG C 236 30.32 -12.47 -14.92
CA ARG C 236 30.95 -13.76 -14.63
C ARG C 236 29.88 -14.77 -14.36
N LEU C 237 28.80 -14.28 -13.75
CA LEU C 237 27.68 -15.13 -13.34
C LEU C 237 27.01 -15.69 -14.56
N TYR C 238 26.85 -14.85 -15.57
CA TYR C 238 26.07 -15.20 -16.75
C TYR C 238 26.78 -16.20 -17.63
N HIS C 239 28.07 -16.01 -17.87
CA HIS C 239 28.78 -16.93 -18.73
C HIS C 239 29.10 -18.22 -18.00
N GLU C 240 29.31 -18.14 -16.69
CA GLU C 240 29.46 -19.35 -15.88
C GLU C 240 28.21 -20.20 -15.88
N TYR C 241 27.07 -19.59 -16.18
CA TYR C 241 25.78 -20.25 -16.00
C TYR C 241 25.60 -21.48 -16.88
N LYS C 242 25.97 -21.39 -18.15
CA LYS C 242 25.61 -22.42 -19.13
C LYS C 242 25.96 -23.87 -18.69
N ASN C 243 27.22 -24.13 -18.34
CA ASN C 243 27.63 -25.47 -17.88
C ASN C 243 28.29 -25.46 -16.48
N ASN C 244 27.79 -24.60 -15.61
CA ASN C 244 28.18 -24.62 -14.21
C ASN C 244 27.23 -23.79 -13.36
N ARG C 245 26.05 -24.33 -13.10
CA ARG C 245 25.00 -23.62 -12.37
C ARG C 245 25.43 -23.20 -10.96
N GLU C 246 26.00 -24.11 -10.18
CA GLU C 246 26.29 -23.80 -8.78
C GLU C 246 27.47 -22.84 -8.63
N MET C 247 28.27 -22.70 -9.68
CA MET C 247 29.25 -21.61 -9.74
C MET C 247 28.50 -20.29 -9.97
N ALA C 248 27.51 -20.30 -10.85
CA ALA C 248 26.71 -19.11 -11.09
C ALA C 248 25.98 -18.73 -9.82
N LEU C 249 25.37 -19.71 -9.15
CA LEU C 249 24.65 -19.46 -7.91
C LEU C 249 25.59 -18.93 -6.84
N LYS C 250 26.79 -19.49 -6.77
CA LYS C 250 27.77 -19.04 -5.80
C LYS C 250 28.07 -17.54 -5.98
N ILE C 251 28.26 -17.12 -7.23
CA ILE C 251 28.59 -15.73 -7.51
C ILE C 251 27.41 -14.82 -7.15
N GLU C 252 26.20 -15.29 -7.42
CA GLU C 252 25.00 -14.56 -7.05
C GLU C 252 24.95 -14.41 -5.53
N LYS C 253 25.09 -15.54 -4.83
CA LYS C 253 24.95 -15.58 -3.39
C LYS C 253 26.09 -14.90 -2.64
N ASN C 254 27.31 -15.01 -3.15
CA ASN C 254 28.48 -14.55 -2.39
C ASN C 254 28.95 -13.14 -2.75
N ASP C 255 28.68 -12.71 -3.98
CA ASP C 255 29.20 -11.44 -4.50
C ASP C 255 28.10 -10.42 -4.81
N VAL C 256 27.20 -10.75 -5.73
CA VAL C 256 26.17 -9.81 -6.20
C VAL C 256 25.18 -9.40 -5.10
N ILE C 257 24.63 -10.40 -4.42
CA ILE C 257 23.59 -10.18 -3.41
C ILE C 257 24.08 -9.35 -2.22
N PRO C 258 25.33 -9.57 -1.78
CA PRO C 258 25.85 -8.68 -0.72
C PRO C 258 26.05 -7.26 -1.20
N LEU C 259 26.61 -7.12 -2.40
CA LEU C 259 26.79 -5.82 -3.01
C LEU C 259 25.45 -5.07 -3.19
N MET C 260 24.39 -5.81 -3.52
CA MET C 260 23.06 -5.20 -3.60
C MET C 260 22.58 -4.79 -2.19
N LYS C 261 22.97 -5.53 -1.16
CA LYS C 261 22.58 -5.19 0.21
C LYS C 261 23.17 -3.86 0.66
N LYS C 262 24.45 -3.65 0.35
CA LYS C 262 25.13 -2.41 0.74
C LYS C 262 24.54 -1.22 -0.02
N LEU C 263 24.26 -1.44 -1.29
CA LEU C 263 23.69 -0.41 -2.16
C LEU C 263 22.26 -0.02 -1.75
N GLY C 264 21.49 -1.02 -1.34
CA GLY C 264 20.09 -0.82 -1.00
C GLY C 264 19.85 -0.15 0.35
N LYS C 265 20.92 0.12 1.08
CA LYS C 265 20.78 0.83 2.33
C LYS C 265 20.45 2.27 2.06
N TYR C 266 20.81 2.72 0.86
CA TYR C 266 20.77 4.14 0.54
C TYR C 266 19.71 4.51 -0.48
N GLN C 267 19.30 5.77 -0.40
CA GLN C 267 18.52 6.43 -1.45
C GLN C 267 19.01 6.04 -2.84
N PHE C 268 18.15 5.39 -3.61
CA PHE C 268 18.44 5.05 -4.99
C PHE C 268 18.50 6.30 -5.85
N PRO C 269 19.44 6.35 -6.81
CA PRO C 269 20.57 5.47 -7.12
C PRO C 269 21.90 6.03 -6.59
N ASN C 270 21.85 6.97 -5.66
CA ASN C 270 23.02 7.74 -5.25
C ASN C 270 24.25 6.92 -4.89
N ALA C 271 24.07 5.86 -4.11
CA ALA C 271 25.18 4.97 -3.79
C ALA C 271 25.85 4.39 -5.05
N TYR C 272 25.10 4.26 -6.15
CA TYR C 272 25.65 3.71 -7.39
C TYR C 272 26.61 4.71 -7.98
N TYR C 273 26.28 5.99 -7.86
CA TYR C 273 27.15 7.06 -8.29
C TYR C 273 28.40 7.18 -7.41
N GLU C 274 28.23 7.43 -6.11
CA GLU C 274 29.35 7.51 -5.20
C GLU C 274 30.34 6.34 -5.34
N TYR C 275 29.83 5.15 -5.68
CA TYR C 275 30.68 3.95 -5.77
C TYR C 275 31.51 3.94 -7.06
N PHE C 276 30.90 4.31 -8.17
CA PHE C 276 31.61 4.42 -9.44
C PHE C 276 32.66 5.52 -9.34
N TYR C 277 32.28 6.59 -8.65
CA TYR C 277 33.16 7.71 -8.36
C TYR C 277 34.40 7.30 -7.55
N LYS C 278 34.19 6.58 -6.45
CA LYS C 278 35.31 6.11 -5.63
C LYS C 278 36.22 5.19 -6.44
N LYS C 279 35.60 4.21 -7.09
CA LYS C 279 36.33 3.18 -7.81
C LYS C 279 37.32 3.78 -8.83
N ASN C 280 36.88 4.84 -9.51
CA ASN C 280 37.64 5.43 -10.61
C ASN C 280 38.31 6.74 -10.22
N ASN C 281 38.21 7.08 -8.93
CA ASN C 281 38.74 8.34 -8.43
C ASN C 281 38.23 9.51 -9.25
N ILE C 282 36.93 9.73 -9.21
CA ILE C 282 36.32 10.91 -9.83
C ILE C 282 35.72 11.82 -8.76
N ASN C 283 35.94 13.12 -8.93
CA ASN C 283 35.29 14.15 -8.13
C ASN C 283 33.84 14.33 -8.63
N GLY C 284 33.07 13.26 -8.55
CA GLY C 284 31.73 13.22 -9.11
C GLY C 284 30.73 13.98 -8.26
N GLY C 285 29.72 14.55 -8.90
CA GLY C 285 28.73 15.37 -8.20
C GLY C 285 27.34 14.77 -8.17
N TYR C 286 26.37 15.57 -7.77
CA TYR C 286 25.00 15.12 -7.60
C TYR C 286 24.02 16.23 -7.98
N ARG C 287 23.13 15.91 -8.92
CA ARG C 287 22.04 16.83 -9.26
C ARG C 287 20.82 16.58 -8.37
N PRO C 288 20.42 17.59 -7.60
CA PRO C 288 19.17 17.48 -6.83
C PRO C 288 18.03 16.91 -7.68
N PRO C 289 17.27 15.93 -7.15
CA PRO C 289 17.23 15.49 -5.75
C PRO C 289 18.30 14.46 -5.35
N MET C 290 19.32 14.27 -6.18
CA MET C 290 20.43 13.41 -5.79
C MET C 290 21.25 14.13 -4.71
N TYR C 291 21.81 13.34 -3.80
CA TYR C 291 22.75 13.85 -2.81
C TYR C 291 23.69 12.71 -2.45
N ARG C 292 24.85 13.06 -1.92
CA ARG C 292 25.90 12.11 -1.58
C ARG C 292 25.53 11.36 -0.32
N VAL C 293 25.75 10.04 -0.30
CA VAL C 293 25.18 9.20 0.77
C VAL C 293 26.19 8.72 1.82
N GLY C 294 27.39 8.33 1.40
CA GLY C 294 28.44 7.93 2.32
C GLY C 294 28.68 6.44 2.36
N ILE C 295 28.60 5.80 1.20
CA ILE C 295 28.80 4.36 1.11
C ILE C 295 30.30 4.05 1.14
N GLU C 296 30.66 2.89 1.70
CA GLU C 296 32.05 2.45 1.75
C GLU C 296 32.32 1.37 0.69
N ILE C 297 33.50 1.44 0.09
CA ILE C 297 33.87 0.54 -0.99
C ILE C 297 34.74 -0.61 -0.50
N MET D 24 -1.80 38.52 0.81
CA MET D 24 -2.40 37.18 1.12
C MET D 24 -2.72 36.40 -0.16
N TYR D 25 -2.18 35.20 -0.28
CA TYR D 25 -2.71 34.26 -1.26
C TYR D 25 -3.93 33.61 -0.64
N LYS D 26 -5.05 33.68 -1.35
CA LYS D 26 -6.31 33.16 -0.82
C LYS D 26 -7.48 33.29 -1.79
N GLY D 27 -8.57 32.62 -1.45
CA GLY D 27 -9.69 32.49 -2.35
C GLY D 27 -9.53 31.24 -3.19
N ILE D 28 -9.88 31.34 -4.46
CA ILE D 28 -10.02 30.17 -5.31
C ILE D 28 -9.12 30.19 -6.53
N VAL D 29 -8.35 29.11 -6.62
CA VAL D 29 -7.45 28.83 -7.71
C VAL D 29 -8.08 27.80 -8.64
N CYS D 30 -8.07 28.07 -9.93
CA CYS D 30 -8.47 27.07 -10.91
C CYS D 30 -7.24 26.36 -11.48
N PRO D 31 -7.07 25.07 -11.15
CA PRO D 31 -6.06 24.33 -11.90
C PRO D 31 -6.60 24.07 -13.30
N MET D 32 -6.16 24.91 -14.25
CA MET D 32 -6.74 24.91 -15.58
C MET D 32 -6.50 23.58 -16.28
N ILE D 33 -7.49 23.10 -17.01
CA ILE D 33 -7.20 22.10 -18.04
C ILE D 33 -6.36 22.79 -19.11
N THR D 34 -5.64 22.02 -19.90
CA THR D 34 -5.00 22.52 -21.12
C THR D 34 -5.80 22.05 -22.32
N PRO D 35 -6.80 22.84 -22.75
CA PRO D 35 -7.69 22.37 -23.81
C PRO D 35 -6.91 22.00 -25.07
N LEU D 36 -7.28 20.88 -25.69
CA LEU D 36 -6.56 20.32 -26.82
C LEU D 36 -7.45 20.18 -28.05
N ASP D 37 -6.91 20.38 -29.26
CA ASP D 37 -7.70 20.09 -30.45
C ASP D 37 -7.69 18.59 -30.68
N ALA D 38 -8.19 18.15 -31.83
CA ALA D 38 -8.45 16.72 -32.04
C ALA D 38 -7.19 15.95 -32.35
N HIS D 39 -6.08 16.66 -32.52
CA HIS D 39 -4.79 16.02 -32.73
C HIS D 39 -3.96 15.96 -31.45
N GLY D 40 -4.57 16.36 -30.34
CA GLY D 40 -3.90 16.30 -29.04
C GLY D 40 -2.90 17.41 -28.84
N ASN D 41 -3.14 18.54 -29.51
CA ASN D 41 -2.28 19.69 -29.37
C ASN D 41 -3.05 20.84 -28.79
N ILE D 42 -2.33 21.83 -28.26
CA ILE D 42 -2.96 22.89 -27.50
C ILE D 42 -3.92 23.69 -28.37
N ASP D 43 -5.15 23.82 -27.89
CA ASP D 43 -6.17 24.63 -28.54
C ASP D 43 -6.24 25.98 -27.84
N TYR D 44 -5.67 27.02 -28.47
CA TYR D 44 -5.54 28.32 -27.83
C TYR D 44 -6.85 29.10 -27.88
N ASN D 45 -7.69 28.78 -28.86
CA ASN D 45 -9.02 29.39 -28.90
C ASN D 45 -9.86 28.87 -27.76
N ALA D 46 -9.79 27.57 -27.53
CA ALA D 46 -10.44 26.96 -26.37
C ALA D 46 -9.81 27.47 -25.06
N THR D 47 -8.49 27.63 -25.01
CA THR D 47 -7.84 28.21 -23.83
C THR D 47 -8.43 29.60 -23.53
N ASN D 48 -8.58 30.41 -24.58
CA ASN D 48 -9.18 31.75 -24.46
C ASN D 48 -10.62 31.66 -24.00
N ILE D 49 -11.35 30.67 -24.53
CA ILE D 49 -12.71 30.41 -24.08
C ILE D 49 -12.72 30.07 -22.59
N LEU D 50 -11.79 29.23 -22.16
CA LEU D 50 -11.70 28.85 -20.76
C LEU D 50 -11.41 30.06 -19.85
N ILE D 51 -10.43 30.87 -20.24
CA ILE D 51 -10.06 32.07 -19.48
C ILE D 51 -11.26 32.98 -19.33
N LYS D 52 -12.03 33.12 -20.41
CA LYS D 52 -13.20 33.98 -20.37
C LYS D 52 -14.16 33.45 -19.32
N TYR D 53 -14.43 32.15 -19.40
CA TYR D 53 -15.30 31.53 -18.42
C TYR D 53 -14.79 31.73 -16.99
N LEU D 54 -13.49 31.55 -16.73
CA LEU D 54 -12.96 31.68 -15.37
C LEU D 54 -13.11 33.14 -14.86
N GLU D 55 -12.78 34.11 -15.70
CA GLU D 55 -13.01 35.53 -15.37
C GLU D 55 -14.49 35.78 -15.09
N GLY D 56 -15.35 35.15 -15.89
CA GLY D 56 -16.78 35.22 -15.72
C GLY D 56 -17.28 34.86 -14.32
N ILE D 57 -16.81 33.72 -13.79
CA ILE D 57 -17.22 33.26 -12.46
C ILE D 57 -16.32 33.77 -11.34
N ASN D 58 -15.37 34.65 -11.68
CA ASN D 58 -14.55 35.32 -10.67
C ASN D 58 -13.70 34.38 -9.79
N VAL D 59 -12.84 33.56 -10.42
CA VAL D 59 -11.81 32.87 -9.69
C VAL D 59 -10.80 33.96 -9.36
N ASP D 60 -10.05 33.79 -8.28
CA ASP D 60 -9.02 34.76 -7.90
C ASP D 60 -7.64 34.48 -8.53
N TYR D 61 -7.38 33.24 -8.91
CA TYR D 61 -6.12 32.94 -9.57
C TYR D 61 -6.29 31.93 -10.70
N LEU D 62 -5.42 32.06 -11.71
CA LEU D 62 -5.30 31.06 -12.76
C LEU D 62 -4.09 30.21 -12.45
N PHE D 63 -4.23 28.89 -12.60
CA PHE D 63 -3.15 27.96 -12.33
C PHE D 63 -2.95 27.05 -13.53
N PRO D 64 -2.23 27.56 -14.55
CA PRO D 64 -1.95 26.74 -15.73
C PRO D 64 -0.91 25.66 -15.45
N MET D 65 -1.03 24.53 -16.15
CA MET D 65 -0.03 23.47 -16.11
C MET D 65 0.18 22.88 -14.71
N GLY D 66 -0.93 22.68 -14.00
CA GLY D 66 -1.00 21.80 -12.86
C GLY D 66 -1.24 20.35 -13.29
N SER D 67 -1.58 19.51 -12.33
CA SER D 67 -1.88 18.10 -12.64
C SER D 67 -3.07 18.05 -13.59
N THR D 68 -4.07 18.88 -13.29
CA THR D 68 -5.30 18.89 -14.06
C THR D 68 -5.05 19.32 -15.49
N GLY D 69 -4.00 20.14 -15.68
CA GLY D 69 -3.57 20.58 -16.99
C GLY D 69 -2.55 19.63 -17.60
N VAL D 70 -2.35 18.52 -16.90
CA VAL D 70 -1.42 17.45 -17.28
C VAL D 70 -0.06 17.94 -17.82
N PHE D 71 0.63 18.78 -17.05
CA PHE D 71 1.92 19.32 -17.47
C PHE D 71 2.96 18.28 -17.93
N PRO D 72 2.99 17.06 -17.34
CA PRO D 72 4.09 16.21 -17.81
C PRO D 72 3.85 15.53 -19.16
N TYR D 73 2.67 15.69 -19.73
CA TYR D 73 2.43 15.19 -21.08
C TYR D 73 2.93 16.20 -22.13
N PHE D 74 3.25 17.41 -21.68
CA PHE D 74 3.71 18.47 -22.57
C PHE D 74 5.21 18.69 -22.52
N THR D 75 5.74 19.24 -23.60
CA THR D 75 7.18 19.49 -23.72
C THR D 75 7.49 20.80 -23.03
N LEU D 76 8.75 21.00 -22.64
CA LEU D 76 9.17 22.26 -22.05
C LEU D 76 8.72 23.48 -22.90
N LYS D 77 8.90 23.34 -24.21
CA LYS D 77 8.44 24.32 -25.21
C LYS D 77 6.95 24.65 -25.13
N GLU D 78 6.11 23.62 -25.24
CA GLU D 78 4.68 23.81 -25.17
C GLU D 78 4.27 24.47 -23.86
N ARG D 79 4.85 24.03 -22.75
CA ARG D 79 4.54 24.64 -21.45
C ARG D 79 4.97 26.13 -21.46
N LYS D 80 6.17 26.42 -21.96
CA LYS D 80 6.56 27.82 -22.11
C LYS D 80 5.53 28.57 -22.94
N ASP D 81 5.19 28.02 -24.12
CA ASP D 81 4.22 28.66 -25.00
C ASP D 81 2.90 28.88 -24.29
N PHE D 82 2.43 27.87 -23.57
CA PHE D 82 1.11 27.95 -22.93
C PHE D 82 1.09 28.99 -21.81
N LEU D 83 2.13 29.01 -20.99
CA LEU D 83 2.27 30.04 -19.94
C LEU D 83 2.23 31.48 -20.52
N LYS D 84 2.93 31.67 -21.63
CA LYS D 84 3.00 32.96 -22.28
C LYS D 84 1.61 33.42 -22.69
N PHE D 85 0.86 32.51 -23.28
CA PHE D 85 -0.45 32.85 -23.78
C PHE D 85 -1.37 33.22 -22.61
N VAL D 86 -1.40 32.39 -21.57
CA VAL D 86 -2.32 32.64 -20.47
C VAL D 86 -2.00 34.00 -19.84
N ARG D 87 -0.73 34.37 -19.66
CA ARG D 87 -0.48 35.70 -19.11
C ARG D 87 -0.87 36.83 -20.09
N GLU D 88 -0.65 36.66 -21.38
CA GLU D 88 -1.01 37.70 -22.33
C GLU D 88 -2.50 37.72 -22.67
N ASN D 89 -3.30 36.92 -21.96
CA ASN D 89 -4.76 36.89 -22.22
C ASN D 89 -5.63 36.96 -20.97
N SER D 90 -5.06 37.37 -19.87
CA SER D 90 -5.83 37.66 -18.69
C SER D 90 -4.99 38.54 -17.81
N LYS D 91 -5.64 39.43 -17.08
CA LYS D 91 -4.93 40.27 -16.13
C LYS D 91 -4.99 39.65 -14.73
N LYS D 92 -5.66 38.50 -14.62
CA LYS D 92 -5.74 37.75 -13.36
C LYS D 92 -4.37 37.35 -12.86
N PRO D 93 -4.22 37.28 -11.52
CA PRO D 93 -2.92 36.79 -11.04
C PRO D 93 -2.71 35.29 -11.35
N ILE D 94 -1.51 34.92 -11.75
CA ILE D 94 -1.26 33.56 -12.23
C ILE D 94 -0.26 32.84 -11.35
N MET D 95 -0.65 31.65 -10.89
CA MET D 95 0.28 30.71 -10.24
C MET D 95 0.70 29.70 -11.28
N ALA D 96 1.94 29.79 -11.76
CA ALA D 96 2.35 28.91 -12.85
C ALA D 96 2.85 27.58 -12.32
N GLY D 97 2.35 26.50 -12.89
CA GLY D 97 2.89 25.20 -12.57
C GLY D 97 4.25 25.02 -13.17
N VAL D 98 5.28 24.91 -12.31
CA VAL D 98 6.64 24.80 -12.81
C VAL D 98 7.21 23.42 -12.48
N GLY D 99 6.32 22.43 -12.38
CA GLY D 99 6.72 21.09 -11.98
C GLY D 99 7.56 20.37 -13.02
N SER D 100 8.54 19.62 -12.52
CA SER D 100 9.37 18.74 -13.32
C SER D 100 10.31 18.02 -12.35
N SER D 101 10.84 16.86 -12.74
CA SER D 101 11.84 16.16 -11.94
C SER D 101 13.26 16.60 -12.30
N SER D 102 13.36 17.45 -13.32
CA SER D 102 14.62 18.07 -13.71
C SER D 102 14.73 19.47 -13.14
N ILE D 103 15.66 19.66 -12.20
CA ILE D 103 15.85 21.00 -11.59
C ILE D 103 16.13 22.08 -12.66
N ASN D 104 16.78 21.72 -13.76
CA ASN D 104 17.00 22.66 -14.88
C ASN D 104 15.69 23.12 -15.50
N GLU D 105 14.73 22.23 -15.67
CA GLU D 105 13.43 22.61 -16.23
C GLU D 105 12.66 23.50 -15.28
N VAL D 106 12.74 23.20 -13.98
CA VAL D 106 12.04 24.01 -12.97
C VAL D 106 12.62 25.41 -12.97
N ASN D 107 13.94 25.54 -13.01
CA ASN D 107 14.55 26.88 -12.97
C ASN D 107 14.23 27.63 -14.25
N GLU D 108 14.34 26.95 -15.37
CA GLU D 108 14.05 27.55 -16.66
C GLU D 108 12.63 28.06 -16.68
N LEU D 109 11.67 27.22 -16.27
CA LEU D 109 10.26 27.60 -16.25
C LEU D 109 9.96 28.71 -15.25
N MET D 110 10.76 28.78 -14.19
CA MET D 110 10.56 29.81 -13.16
C MET D 110 11.09 31.16 -13.60
N LYS D 111 12.29 31.16 -14.17
CA LYS D 111 12.83 32.38 -14.74
C LYS D 111 11.89 32.97 -15.79
N PHE D 112 11.40 32.09 -16.66
CA PHE D 112 10.58 32.53 -17.77
C PHE D 112 9.24 33.06 -17.28
N SER D 113 8.72 32.50 -16.20
CA SER D 113 7.46 32.98 -15.62
C SER D 113 7.69 34.34 -14.99
N MET D 114 8.81 34.46 -14.29
CA MET D 114 9.19 35.73 -13.70
C MET D 114 9.44 36.76 -14.80
N ASP D 115 10.13 36.37 -15.86
CA ASP D 115 10.48 37.30 -16.92
C ASP D 115 9.31 37.74 -17.79
N ILE D 116 8.12 37.16 -17.59
CA ILE D 116 6.94 37.58 -18.38
C ILE D 116 5.78 38.01 -17.50
N GLY D 117 6.04 38.15 -16.20
CA GLY D 117 5.09 38.80 -15.32
C GLY D 117 4.10 37.90 -14.61
N ILE D 118 4.44 36.62 -14.49
CA ILE D 118 3.62 35.70 -13.72
C ILE D 118 3.95 35.90 -12.22
N GLU D 119 2.92 35.97 -11.41
CA GLU D 119 3.04 36.39 -10.02
C GLU D 119 3.67 35.35 -9.08
N ALA D 120 3.34 34.08 -9.29
CA ALA D 120 3.87 33.02 -8.42
C ALA D 120 4.07 31.71 -9.15
N ALA D 121 4.88 30.84 -8.55
CA ALA D 121 5.15 29.50 -9.07
C ALA D 121 4.54 28.42 -8.16
N VAL D 122 4.11 27.31 -8.75
CA VAL D 122 3.64 26.17 -7.96
C VAL D 122 4.51 24.96 -8.26
N LEU D 123 5.01 24.32 -7.21
CA LEU D 123 5.96 23.24 -7.36
C LEU D 123 5.69 22.03 -6.41
N MET D 124 5.58 20.85 -7.00
CA MET D 124 5.43 19.62 -6.24
C MET D 124 6.77 18.93 -6.19
N PRO D 125 6.93 17.94 -5.30
CA PRO D 125 8.19 17.19 -5.25
C PRO D 125 8.48 16.44 -6.55
N PRO D 126 9.76 16.18 -6.82
CA PRO D 126 10.04 15.44 -8.06
C PRO D 126 9.51 14.01 -7.93
N TYR D 127 9.32 13.35 -9.07
CA TYR D 127 8.60 12.10 -9.14
C TYR D 127 9.43 11.05 -9.85
N TYR D 128 8.79 9.93 -10.15
CA TYR D 128 9.38 8.78 -10.81
C TYR D 128 10.21 7.99 -9.77
N ILE D 129 11.41 8.44 -9.44
CA ILE D 129 12.16 7.76 -8.40
C ILE D 129 11.61 8.14 -7.01
N LYS D 130 11.44 7.14 -6.16
CA LYS D 130 10.94 7.37 -4.81
C LYS D 130 12.05 8.02 -3.95
N LEU D 131 11.67 9.04 -3.18
CA LEU D 131 12.61 9.89 -2.45
C LEU D 131 12.25 10.00 -0.97
N ASN D 132 13.28 10.03 -0.11
CA ASN D 132 13.08 10.40 1.29
C ASN D 132 13.01 11.93 1.41
N GLN D 133 12.85 12.44 2.62
CA GLN D 133 12.63 13.87 2.81
C GLN D 133 13.89 14.71 2.58
N GLU D 134 15.04 14.16 2.95
CA GLU D 134 16.29 14.86 2.76
C GLU D 134 16.48 15.12 1.26
N ALA D 135 16.20 14.12 0.43
CA ALA D 135 16.34 14.28 -1.01
C ALA D 135 15.43 15.37 -1.55
N ILE D 136 14.16 15.34 -1.14
CA ILE D 136 13.20 16.38 -1.50
C ILE D 136 13.61 17.76 -0.99
N TYR D 137 14.13 17.80 0.24
CA TYR D 137 14.58 19.05 0.85
C TYR D 137 15.69 19.71 0.04
N HIS D 138 16.72 18.93 -0.31
N HIS D 138 16.70 18.92 -0.31
CA HIS D 138 17.86 19.46 -1.06
CA HIS D 138 17.86 19.39 -1.05
C HIS D 138 17.40 20.07 -2.38
C HIS D 138 17.43 20.02 -2.38
N TYR D 139 16.51 19.35 -3.06
CA TYR D 139 15.95 19.81 -4.33
C TYR D 139 15.25 21.19 -4.23
N TYR D 140 14.39 21.33 -3.23
CA TYR D 140 13.70 22.59 -3.01
C TYR D 140 14.66 23.71 -2.61
N LYS D 141 15.67 23.37 -1.83
CA LYS D 141 16.67 24.30 -1.34
C LYS D 141 17.38 24.98 -2.52
N GLU D 142 17.93 24.14 -3.39
CA GLU D 142 18.62 24.58 -4.57
C GLU D 142 17.75 25.48 -5.43
N ILE D 143 16.52 25.04 -5.71
CA ILE D 143 15.61 25.86 -6.49
C ILE D 143 15.33 27.20 -5.82
N LEU D 144 15.05 27.21 -4.53
CA LEU D 144 14.61 28.46 -3.88
C LEU D 144 15.74 29.49 -3.64
N SER D 145 16.98 29.03 -3.60
CA SER D 145 18.12 29.93 -3.51
C SER D 145 18.48 30.46 -4.90
N SER D 146 18.14 29.70 -5.94
CA SER D 146 18.37 30.10 -7.31
C SER D 146 17.28 31.03 -7.82
N ASN D 147 16.36 31.40 -6.94
CA ASN D 147 15.14 32.10 -7.36
C ASN D 147 14.62 33.06 -6.31
N ASP D 148 13.54 33.75 -6.66
CA ASP D 148 13.06 34.86 -5.86
C ASP D 148 11.55 34.94 -5.86
N MET D 149 10.92 34.48 -6.93
CA MET D 149 9.48 34.67 -7.06
C MET D 149 8.73 33.89 -6.00
N ASP D 150 7.53 34.36 -5.70
CA ASP D 150 6.61 33.67 -4.80
C ASP D 150 6.40 32.24 -5.26
N LEU D 151 6.66 31.28 -4.39
CA LEU D 151 6.46 29.88 -4.71
C LEU D 151 5.49 29.25 -3.73
N LEU D 152 4.60 28.42 -4.25
CA LEU D 152 3.71 27.63 -3.41
C LEU D 152 4.16 26.19 -3.54
N ILE D 153 4.41 25.56 -2.41
CA ILE D 153 4.72 24.14 -2.38
C ILE D 153 3.43 23.37 -2.59
N TYR D 154 3.52 22.23 -3.24
CA TYR D 154 2.31 21.49 -3.58
C TYR D 154 2.43 19.99 -3.30
N ASN D 155 1.72 19.56 -2.27
CA ASN D 155 1.77 18.18 -1.86
C ASN D 155 0.65 17.42 -2.53
N ILE D 156 1.00 16.46 -3.38
CA ILE D 156 0.03 15.63 -4.07
C ILE D 156 0.57 14.20 -4.14
N PRO D 157 0.54 13.51 -2.98
CA PRO D 157 1.19 12.20 -2.82
C PRO D 157 0.60 11.07 -3.68
N GLN D 158 -0.57 11.27 -4.28
CA GLN D 158 -1.07 10.33 -5.28
C GLN D 158 -0.19 10.24 -6.54
N PHE D 159 0.41 11.36 -6.96
CA PHE D 159 1.19 11.37 -8.21
C PHE D 159 2.70 11.53 -8.01
N THR D 160 3.11 11.93 -6.81
CA THR D 160 4.53 12.10 -6.58
C THR D 160 4.89 11.85 -5.11
N ASN D 161 6.18 11.80 -4.81
CA ASN D 161 6.66 11.73 -3.43
C ASN D 161 6.03 12.78 -2.48
N LYS D 162 5.65 12.33 -1.30
CA LYS D 162 4.99 13.19 -0.32
C LYS D 162 6.03 14.12 0.26
N ILE D 163 5.62 15.33 0.62
CA ILE D 163 6.47 16.21 1.39
C ILE D 163 5.85 16.40 2.79
N ASP D 164 6.55 15.96 3.83
CA ASP D 164 6.02 16.04 5.19
C ASP D 164 5.82 17.48 5.62
N PRO D 165 4.85 17.71 6.51
CA PRO D 165 4.64 19.06 7.04
C PRO D 165 5.91 19.63 7.65
N GLU D 166 6.67 18.80 8.36
CA GLU D 166 7.94 19.22 8.92
C GLU D 166 8.92 19.75 7.85
N THR D 167 8.98 19.06 6.71
CA THR D 167 9.85 19.47 5.63
C THR D 167 9.39 20.81 5.09
N VAL D 168 8.07 21.02 5.04
CA VAL D 168 7.51 22.28 4.61
C VAL D 168 7.89 23.37 5.60
N LYS D 169 7.73 23.07 6.88
CA LYS D 169 8.02 24.01 7.96
C LYS D 169 9.43 24.54 7.80
N ASN D 170 10.38 23.60 7.67
CA ASN D 170 11.79 23.96 7.57
C ASN D 170 12.09 24.77 6.31
N LEU D 171 11.50 24.38 5.18
CA LEU D 171 11.67 25.16 3.96
C LEU D 171 11.05 26.55 4.16
N LYS D 172 9.96 26.62 4.91
CA LYS D 172 9.32 27.90 5.17
C LYS D 172 10.29 28.84 5.88
N SER D 173 10.98 28.32 6.90
CA SER D 173 11.89 29.11 7.72
C SER D 173 13.01 29.73 6.93
N GLU D 174 13.57 28.97 6.01
CA GLU D 174 14.77 29.41 5.31
C GLU D 174 14.50 30.35 4.13
N PHE D 175 13.25 30.43 3.71
CA PHE D 175 12.91 31.08 2.43
C PHE D 175 11.59 31.83 2.51
N SER D 176 11.66 33.15 2.55
CA SER D 176 10.45 33.96 2.57
C SER D 176 9.71 33.88 1.23
N SER D 177 10.40 33.38 0.21
CA SER D 177 9.82 33.17 -1.11
C SER D 177 8.67 32.13 -1.09
N VAL D 178 8.70 31.24 -0.10
CA VAL D 178 7.67 30.23 0.08
C VAL D 178 6.47 30.89 0.72
N LYS D 179 5.35 30.90 0.00
CA LYS D 179 4.19 31.70 0.38
C LYS D 179 2.97 30.86 0.72
N GLY D 180 3.15 29.55 0.69
CA GLY D 180 2.05 28.67 1.01
C GLY D 180 2.31 27.23 0.64
N VAL D 181 1.34 26.39 0.97
CA VAL D 181 1.35 25.00 0.59
C VAL D 181 -0.06 24.67 0.06
N LYS D 182 -0.10 23.85 -0.99
CA LYS D 182 -1.35 23.28 -1.50
C LYS D 182 -1.32 21.80 -1.21
N ASP D 183 -2.42 21.29 -0.67
CA ASP D 183 -2.50 19.86 -0.38
C ASP D 183 -3.69 19.23 -1.07
N SER D 184 -3.40 18.19 -1.84
CA SER D 184 -4.42 17.36 -2.50
C SER D 184 -4.50 15.93 -1.90
N SER D 185 -3.97 15.77 -0.69
CA SER D 185 -3.79 14.43 -0.10
C SER D 185 -5.12 13.73 0.14
N ALA D 186 -6.14 14.52 0.45
CA ALA D 186 -7.44 14.03 0.93
C ALA D 186 -7.27 13.47 2.35
N ASP D 187 -6.07 13.55 2.91
CA ASP D 187 -5.85 13.19 4.30
C ASP D 187 -6.08 14.37 5.24
N ILE D 188 -7.22 14.35 5.90
CA ILE D 188 -7.61 15.49 6.73
C ILE D 188 -6.64 15.70 7.89
N ARG D 189 -6.07 14.60 8.40
CA ARG D 189 -5.10 14.68 9.49
C ARG D 189 -3.81 15.32 8.97
N GLY D 190 -3.39 14.92 7.78
CA GLY D 190 -2.23 15.53 7.16
C GLY D 190 -2.50 17.00 6.88
N PHE D 191 -3.71 17.28 6.43
CA PHE D 191 -4.08 18.64 6.13
C PHE D 191 -3.98 19.52 7.35
N MET D 192 -4.41 19.01 8.51
CA MET D 192 -4.42 19.82 9.72
C MET D 192 -3.00 20.11 10.20
N GLU D 193 -2.06 19.25 9.83
CA GLU D 193 -0.66 19.51 10.09
C GLU D 193 -0.19 20.68 9.23
N MET D 194 -0.51 20.65 7.93
CA MET D 194 -0.16 21.76 7.05
C MET D 194 -0.78 23.06 7.54
N LEU D 195 -2.01 22.98 8.03
CA LEU D 195 -2.70 24.16 8.52
C LEU D 195 -1.93 24.77 9.67
N SER D 196 -1.33 23.93 10.49
CA SER D 196 -0.55 24.43 11.62
C SER D 196 0.59 25.37 11.19
N LEU D 197 0.94 25.34 9.91
CA LEU D 197 1.98 26.21 9.38
C LEU D 197 1.40 27.53 8.85
N SER D 198 0.09 27.68 8.96
CA SER D 198 -0.57 28.89 8.47
C SER D 198 -0.29 30.11 9.33
N ASP D 199 0.05 31.21 8.67
CA ASP D 199 0.08 32.53 9.31
C ASP D 199 -0.16 33.59 8.24
N ASP D 200 0.12 34.84 8.55
CA ASP D 200 -0.32 35.95 7.70
C ASP D 200 0.37 35.95 6.34
N ASP D 201 1.47 35.20 6.24
CA ASP D 201 2.25 35.14 5.00
C ASP D 201 2.55 33.71 4.56
N PHE D 202 1.63 32.81 4.90
CA PHE D 202 1.74 31.42 4.47
C PHE D 202 0.34 30.88 4.33
N ALA D 203 -0.10 30.79 3.08
CA ALA D 203 -1.45 30.31 2.80
C ALA D 203 -1.48 28.78 2.84
N VAL D 204 -2.67 28.21 3.06
CA VAL D 204 -2.83 26.75 2.96
C VAL D 204 -4.10 26.43 2.20
N PHE D 205 -3.92 25.80 1.05
CA PHE D 205 -5.00 25.53 0.11
C PHE D 205 -5.40 24.06 0.05
N GLN D 206 -6.71 23.82 0.05
CA GLN D 206 -7.28 22.50 -0.14
C GLN D 206 -7.47 22.19 -1.63
N GLY D 207 -6.86 21.11 -2.10
CA GLY D 207 -6.86 20.78 -3.52
C GLY D 207 -7.94 19.79 -3.93
N GLN D 208 -8.82 19.48 -2.99
CA GLN D 208 -9.94 18.55 -3.23
C GLN D 208 -11.25 19.28 -3.02
N ASP D 209 -11.95 19.51 -4.11
CA ASP D 209 -13.12 20.38 -4.15
C ASP D 209 -14.15 19.97 -3.11
N ASP D 210 -14.34 18.65 -2.96
CA ASP D 210 -15.36 18.13 -2.05
C ASP D 210 -14.99 18.32 -0.57
N LEU D 211 -13.76 18.77 -0.30
CA LEU D 211 -13.28 18.96 1.08
C LEU D 211 -13.08 20.43 1.46
N LEU D 212 -13.43 21.34 0.54
CA LEU D 212 -13.21 22.75 0.78
C LEU D 212 -13.98 23.24 2.00
N PHE D 213 -15.28 22.97 2.08
CA PHE D 213 -16.09 23.50 3.19
C PHE D 213 -15.46 23.16 4.52
N THR D 214 -15.30 21.86 4.76
CA THR D 214 -14.61 21.35 5.93
C THR D 214 -13.25 22.03 6.14
N SER D 215 -12.50 22.23 5.06
CA SER D 215 -11.18 22.86 5.15
C SER D 215 -11.27 24.32 5.62
N LEU D 216 -12.27 25.04 5.15
CA LEU D 216 -12.39 26.45 5.54
C LEU D 216 -12.69 26.56 7.03
N GLU D 217 -13.46 25.60 7.55
CA GLU D 217 -13.75 25.57 8.99
C GLU D 217 -12.45 25.44 9.75
N LEU D 218 -11.54 24.64 9.22
CA LEU D 218 -10.24 24.45 9.85
C LEU D 218 -9.28 25.62 9.55
N GLY D 219 -9.77 26.63 8.81
CA GLY D 219 -9.02 27.86 8.62
C GLY D 219 -8.15 27.87 7.37
N ALA D 220 -8.58 27.16 6.34
CA ALA D 220 -7.82 27.11 5.10
C ALA D 220 -7.92 28.47 4.38
N SER D 221 -6.85 28.86 3.70
CA SER D 221 -6.83 30.11 2.97
C SER D 221 -7.82 30.07 1.81
N GLY D 222 -8.21 28.87 1.41
CA GLY D 222 -9.06 28.68 0.25
C GLY D 222 -8.84 27.32 -0.39
N GLY D 223 -9.19 27.19 -1.68
CA GLY D 223 -9.10 25.92 -2.38
C GLY D 223 -8.58 25.98 -3.82
N VAL D 224 -7.88 24.92 -4.23
CA VAL D 224 -7.42 24.77 -5.61
C VAL D 224 -8.26 23.70 -6.26
N CYS D 225 -9.32 24.14 -6.94
CA CYS D 225 -10.39 23.24 -7.33
C CYS D 225 -10.62 23.15 -8.83
N GLY D 226 -10.48 21.93 -9.35
CA GLY D 226 -10.55 21.67 -10.77
C GLY D 226 -11.95 21.76 -11.38
N THR D 227 -12.99 21.51 -10.58
CA THR D 227 -14.33 21.65 -11.12
C THR D 227 -14.54 23.07 -11.66
N THR D 228 -13.86 24.07 -11.10
CA THR D 228 -14.10 25.45 -11.54
C THR D 228 -13.73 25.66 -13.02
N ASN D 229 -13.09 24.69 -13.66
CA ASN D 229 -13.01 24.71 -15.13
C ASN D 229 -14.38 24.76 -15.82
N PHE D 230 -15.45 24.31 -15.15
CA PHE D 230 -16.77 24.23 -15.79
C PHE D 230 -17.97 24.36 -14.83
N SER D 231 -17.72 24.70 -13.57
CA SER D 231 -18.81 24.99 -12.66
C SER D 231 -18.41 26.07 -11.67
N ASP D 232 -19.36 26.93 -11.30
CA ASP D 232 -19.05 27.99 -10.37
C ASP D 232 -19.26 27.53 -8.92
N GLY D 233 -19.67 26.28 -8.76
CA GLY D 233 -20.05 25.73 -7.45
C GLY D 233 -19.07 26.04 -6.33
N ILE D 234 -17.78 25.80 -6.59
CA ILE D 234 -16.74 26.06 -5.61
C ILE D 234 -16.61 27.55 -5.26
N VAL D 235 -16.79 28.44 -6.23
CA VAL D 235 -16.70 29.88 -5.96
C VAL D 235 -17.91 30.38 -5.18
N ARG D 236 -19.11 29.94 -5.57
CA ARG D 236 -20.30 30.24 -4.80
C ARG D 236 -20.09 29.86 -3.34
N LEU D 237 -19.69 28.60 -3.12
CA LEU D 237 -19.44 28.05 -1.79
C LEU D 237 -18.54 28.95 -0.97
N TYR D 238 -17.50 29.49 -1.61
CA TYR D 238 -16.48 30.26 -0.90
C TYR D 238 -16.91 31.68 -0.55
N HIS D 239 -17.72 32.29 -1.40
CA HIS D 239 -18.19 33.65 -1.11
C HIS D 239 -19.47 33.56 -0.28
N GLU D 240 -20.01 32.36 -0.16
CA GLU D 240 -21.11 32.09 0.76
C GLU D 240 -20.60 31.77 2.16
N TYR D 241 -19.31 31.45 2.29
CA TYR D 241 -18.82 30.88 3.52
C TYR D 241 -18.89 31.86 4.69
N LYS D 242 -18.10 32.93 4.62
CA LYS D 242 -17.93 33.88 5.74
C LYS D 242 -19.25 34.30 6.37
N ASN D 243 -20.27 34.48 5.54
CA ASN D 243 -21.61 34.78 6.03
C ASN D 243 -22.46 33.52 6.25
N ASN D 244 -22.56 32.71 5.21
CA ASN D 244 -23.55 31.64 5.17
C ASN D 244 -22.94 30.24 5.24
N ARG D 245 -22.65 29.81 6.47
CA ARG D 245 -22.15 28.46 6.71
C ARG D 245 -23.01 27.40 6.02
N GLU D 246 -24.26 27.30 6.45
CA GLU D 246 -25.13 26.21 5.99
C GLU D 246 -25.41 26.25 4.49
N MET D 247 -25.42 27.44 3.90
CA MET D 247 -25.55 27.56 2.45
C MET D 247 -24.30 27.03 1.74
N ALA D 248 -23.13 27.32 2.33
CA ALA D 248 -21.87 26.84 1.77
C ALA D 248 -21.87 25.33 1.78
N LEU D 249 -22.28 24.76 2.92
CA LEU D 249 -22.39 23.32 3.08
C LEU D 249 -23.42 22.74 2.12
N LYS D 250 -24.55 23.41 1.97
CA LYS D 250 -25.57 22.97 1.01
C LYS D 250 -24.98 22.89 -0.39
N ILE D 251 -24.27 23.94 -0.80
CA ILE D 251 -23.63 23.97 -2.11
C ILE D 251 -22.55 22.88 -2.21
N GLU D 252 -21.86 22.61 -1.10
CA GLU D 252 -20.88 21.51 -1.05
C GLU D 252 -21.60 20.17 -1.17
N LYS D 253 -22.57 19.94 -0.30
CA LYS D 253 -23.23 18.65 -0.23
C LYS D 253 -24.09 18.36 -1.46
N ASN D 254 -24.63 19.38 -2.12
CA ASN D 254 -25.60 19.15 -3.19
C ASN D 254 -25.08 19.33 -4.63
N ASP D 255 -24.10 20.21 -4.83
CA ASP D 255 -23.63 20.53 -6.17
C ASP D 255 -22.20 20.04 -6.40
N VAL D 256 -21.31 20.29 -5.45
CA VAL D 256 -19.90 19.98 -5.63
C VAL D 256 -19.63 18.48 -5.49
N ILE D 257 -20.09 17.90 -4.39
CA ILE D 257 -19.75 16.52 -4.09
C ILE D 257 -20.28 15.57 -5.18
N PRO D 258 -21.55 15.73 -5.58
CA PRO D 258 -22.06 14.91 -6.68
C PRO D 258 -21.27 15.06 -7.95
N LEU D 259 -20.91 16.30 -8.29
CA LEU D 259 -20.09 16.55 -9.47
C LEU D 259 -18.76 15.78 -9.33
N MET D 260 -18.10 15.91 -8.19
CA MET D 260 -16.86 15.16 -7.97
C MET D 260 -17.10 13.65 -8.07
N LYS D 261 -18.21 13.18 -7.53
CA LYS D 261 -18.46 11.74 -7.50
C LYS D 261 -18.59 11.24 -8.93
N LYS D 262 -19.15 12.07 -9.80
CA LYS D 262 -19.31 11.71 -11.21
C LYS D 262 -17.98 11.74 -11.96
N LEU D 263 -17.14 12.71 -11.64
CA LEU D 263 -15.84 12.83 -12.30
C LEU D 263 -14.92 11.67 -11.91
N GLY D 264 -15.12 11.14 -10.70
CA GLY D 264 -14.25 10.14 -10.13
C GLY D 264 -14.45 8.75 -10.70
N LYS D 265 -15.58 8.55 -11.36
CA LYS D 265 -15.84 7.28 -12.04
C LYS D 265 -14.82 7.01 -13.15
N TYR D 266 -14.12 8.06 -13.57
CA TYR D 266 -13.28 8.03 -14.76
C TYR D 266 -11.81 8.20 -14.47
N GLN D 267 -11.00 7.57 -15.30
CA GLN D 267 -9.55 7.79 -15.35
C GLN D 267 -9.26 9.28 -15.32
N PHE D 268 -8.55 9.73 -14.28
CA PHE D 268 -8.20 11.14 -14.14
C PHE D 268 -7.15 11.52 -15.21
N PRO D 269 -7.29 12.71 -15.84
CA PRO D 269 -8.30 13.77 -15.75
C PRO D 269 -9.26 13.88 -16.95
N ASN D 270 -9.33 12.84 -17.77
CA ASN D 270 -10.02 12.94 -19.05
C ASN D 270 -11.47 13.38 -18.97
N ALA D 271 -12.14 13.10 -17.85
CA ALA D 271 -13.54 13.50 -17.69
C ALA D 271 -13.69 15.02 -17.54
N TYR D 272 -12.67 15.70 -17.01
CA TYR D 272 -12.69 17.17 -16.89
C TYR D 272 -12.66 17.82 -18.26
N TYR D 273 -11.85 17.25 -19.14
CA TYR D 273 -11.72 17.67 -20.52
C TYR D 273 -13.02 17.49 -21.29
N GLU D 274 -13.61 16.29 -21.22
CA GLU D 274 -14.85 16.01 -21.92
C GLU D 274 -15.99 16.93 -21.45
N TYR D 275 -16.06 17.15 -20.15
CA TYR D 275 -17.09 18.02 -19.58
C TYR D 275 -16.96 19.42 -20.15
N PHE D 276 -15.72 19.88 -20.28
CA PHE D 276 -15.44 21.21 -20.77
C PHE D 276 -15.78 21.28 -22.23
N TYR D 277 -15.38 20.25 -22.97
CA TYR D 277 -15.57 20.20 -24.40
C TYR D 277 -17.04 20.23 -24.75
N LYS D 278 -17.85 19.59 -23.90
CA LYS D 278 -19.28 19.46 -24.13
C LYS D 278 -20.02 20.72 -23.71
N LYS D 279 -19.63 21.27 -22.57
CA LYS D 279 -20.30 22.44 -22.02
C LYS D 279 -20.16 23.65 -22.95
N ASN D 280 -19.16 23.58 -23.82
CA ASN D 280 -18.80 24.71 -24.67
C ASN D 280 -18.97 24.38 -26.14
N ASN D 281 -19.37 23.14 -26.42
CA ASN D 281 -19.49 22.65 -27.80
C ASN D 281 -18.20 22.84 -28.58
N ILE D 282 -17.14 22.19 -28.12
CA ILE D 282 -15.83 22.23 -28.75
C ILE D 282 -15.45 20.82 -29.17
N ASN D 283 -14.76 20.68 -30.31
CA ASN D 283 -14.21 19.39 -30.69
C ASN D 283 -12.81 19.24 -30.09
N GLY D 284 -12.78 19.05 -28.77
CA GLY D 284 -11.53 18.90 -28.06
C GLY D 284 -11.00 17.49 -28.19
N GLY D 285 -9.69 17.34 -28.14
CA GLY D 285 -9.06 16.04 -28.27
C GLY D 285 -8.31 15.62 -27.02
N TYR D 286 -7.51 14.58 -27.18
CA TYR D 286 -6.87 13.90 -26.07
C TYR D 286 -5.48 13.46 -26.50
N ARG D 287 -4.46 13.96 -25.83
CA ARG D 287 -3.10 13.49 -26.04
C ARG D 287 -2.87 12.16 -25.28
N PRO D 288 -2.56 11.07 -25.98
CA PRO D 288 -2.20 9.89 -25.19
C PRO D 288 -1.09 10.21 -24.18
N PRO D 289 -1.19 9.69 -22.94
CA PRO D 289 -2.08 8.60 -22.46
C PRO D 289 -3.53 8.97 -22.11
N MET D 290 -3.94 10.23 -22.34
CA MET D 290 -5.35 10.63 -22.26
C MET D 290 -6.20 9.89 -23.29
N TYR D 291 -7.48 9.68 -22.96
CA TYR D 291 -8.45 9.22 -23.94
C TYR D 291 -9.86 9.64 -23.53
N ARG D 292 -10.78 9.65 -24.49
CA ARG D 292 -12.17 10.03 -24.20
C ARG D 292 -12.87 8.90 -23.45
N VAL D 293 -13.55 9.24 -22.35
CA VAL D 293 -14.01 8.22 -21.41
C VAL D 293 -15.52 7.97 -21.46
N GLY D 294 -16.27 8.94 -21.97
CA GLY D 294 -17.71 8.80 -22.14
C GLY D 294 -18.53 9.24 -20.94
N ILE D 295 -18.26 10.45 -20.46
CA ILE D 295 -19.02 11.01 -19.34
C ILE D 295 -20.22 11.80 -19.86
N GLU D 296 -21.24 11.95 -19.02
CA GLU D 296 -22.46 12.66 -19.37
C GLU D 296 -22.68 13.87 -18.45
N ILE D 297 -23.47 14.83 -18.92
CA ILE D 297 -23.87 15.98 -18.12
C ILE D 297 -25.34 15.84 -17.75
#